data_1IGJ
#
_entry.id   1IGJ
#
_cell.length_a   44.160
_cell.length_b   164.430
_cell.length_c   70.010
_cell.angle_alpha   90.00
_cell.angle_beta   108.37
_cell.angle_gamma   90.00
#
_symmetry.space_group_name_H-M   'P 1 21 1'
#
loop_
_entity.id
_entity.type
_entity.pdbx_description
1 polymer 'IGG2A-KAPPA 26-10 FAB (LIGHT CHAIN)'
2 polymer 'IGG2A-KAPPA 26-10 FAB (HEAVY CHAIN)'
3 non-polymer DIGOXIN
#
loop_
_entity_poly.entity_id
_entity_poly.type
_entity_poly.pdbx_seq_one_letter_code
_entity_poly.pdbx_strand_id
1 'polypeptide(L)'
;DVVMTQTPLSLPVSLGDQASISCRSSQSLVHSNGNTYLNWYLQKAGQSPKLLIYKVSNRFSGVPDRFSGSGSGTDFTLKI
SRVEAEDLGIYFCSQTTHVPPTFGGGTKLEIKRADAAPTVSIFPPSSEQLTSGGASVVCFLNNFYPKDINVKWKIDGSER
QNGVLNSWTDQDSKDSTYSMSSTLTLTKDEYERHNSYTCEATHKTSTSPIVKSFNRNEC
;
A,C
2 'polypeptide(L)'
;EVQLQQSGPELVKPGASVRMSCKSSGYIFTDFYMNWVRQSHGKSLDYIGYISPYSGVTGYNQKFKGKATLTVDKSSSTAY
MELRSLTSEDSAVYYCAGSSGNKWAMDYWGHGASVTVSSAKTTAPSVYPLAPVCGDTTGSSVTLGCLVKGYFPEPVTLTW
NSGSLSSGVHTFPAVLQSDLYTLSSSVTVTSSTWPSQSITCNVAHPASSTKVDKKIEP
;
B,D
#
# COMPACT_ATOMS: atom_id res chain seq x y z
N ASP A 1 -23.92 15.18 27.55
CA ASP A 1 -22.50 15.38 27.90
C ASP A 1 -22.26 16.86 27.95
N VAL A 2 -21.90 17.34 29.12
CA VAL A 2 -21.58 18.74 29.29
C VAL A 2 -20.06 18.97 29.12
N VAL A 3 -19.66 19.42 27.95
CA VAL A 3 -18.29 19.71 27.51
C VAL A 3 -17.52 20.66 28.44
N MET A 4 -16.46 20.29 29.14
CA MET A 4 -15.68 21.26 29.93
C MET A 4 -14.53 21.85 29.11
N THR A 5 -14.18 23.13 29.23
CA THR A 5 -13.06 23.69 28.47
C THR A 5 -12.04 24.55 29.25
N GLN A 6 -11.01 23.83 29.67
CA GLN A 6 -9.88 24.43 30.33
C GLN A 6 -8.92 24.90 29.27
N THR A 7 -8.38 26.06 29.59
CA THR A 7 -7.40 26.84 28.84
C THR A 7 -6.51 27.40 29.96
N PRO A 8 -5.21 27.72 29.82
CA PRO A 8 -4.36 27.27 28.71
C PRO A 8 -3.94 25.82 28.97
N LEU A 9 -3.30 25.23 27.96
CA LEU A 9 -2.81 23.85 28.07
C LEU A 9 -1.60 23.81 28.98
N SER A 10 -0.63 24.65 28.67
CA SER A 10 0.59 24.76 29.44
C SER A 10 0.54 26.15 30.00
N LEU A 11 0.56 26.23 31.34
CA LEU A 11 0.70 27.51 32.01
C LEU A 11 2.14 27.47 32.45
N PRO A 12 3.06 28.21 31.87
CA PRO A 12 4.40 28.44 32.41
C PRO A 12 4.49 29.59 33.43
N VAL A 13 5.02 29.18 34.58
CA VAL A 13 5.21 30.05 35.73
C VAL A 13 6.68 29.98 36.15
N SER A 14 6.99 30.78 37.16
CA SER A 14 8.26 30.78 37.85
C SER A 14 7.81 30.53 39.29
N LEU A 15 8.74 30.25 40.17
CA LEU A 15 8.31 29.84 41.47
C LEU A 15 7.93 31.06 42.28
N GLY A 16 6.72 30.88 42.79
CA GLY A 16 6.16 31.88 43.65
C GLY A 16 5.33 32.90 42.94
N ASP A 17 4.93 32.70 41.68
CA ASP A 17 4.02 33.63 40.98
C ASP A 17 2.61 33.18 41.35
N GLN A 18 1.62 33.84 40.76
CA GLN A 18 0.26 33.36 40.86
C GLN A 18 0.06 32.61 39.57
N ALA A 19 -0.76 31.59 39.69
CA ALA A 19 -1.16 30.76 38.57
C ALA A 19 -2.66 30.94 38.52
N SER A 20 -3.19 31.27 37.35
CA SER A 20 -4.61 31.53 37.14
C SER A 20 -5.11 30.57 36.04
N ILE A 21 -6.14 29.75 36.30
CA ILE A 21 -6.66 28.72 35.37
C ILE A 21 -8.19 28.83 35.21
N SER A 22 -8.66 28.85 33.99
CA SER A 22 -10.05 29.04 33.68
C SER A 22 -10.74 27.74 33.28
N CYS A 23 -12.01 27.56 33.66
CA CYS A 23 -12.80 26.39 33.27
C CYS A 23 -14.19 26.89 32.87
N ARG A 24 -14.57 26.58 31.62
CA ARG A 24 -15.84 27.01 31.03
C ARG A 24 -16.79 25.88 30.66
N SER A 25 -18.09 26.02 30.85
CA SER A 25 -19.06 24.98 30.55
C SER A 25 -19.93 25.28 29.37
N SER A 26 -20.34 24.23 28.68
CA SER A 26 -21.30 24.26 27.57
C SER A 26 -22.70 24.64 28.08
N GLN A 27 -22.90 24.88 29.39
CA GLN A 27 -24.18 25.28 30.03
C GLN A 27 -23.91 25.22 31.53
N SER A 28 -24.86 25.81 32.24
CA SER A 28 -24.83 25.93 33.67
C SER A 28 -24.66 24.60 34.39
N LEU A 29 -23.73 24.66 35.30
CA LEU A 29 -23.50 23.57 36.19
C LEU A 29 -24.24 23.77 37.49
N VAL A 30 -25.03 24.85 37.61
CA VAL A 30 -25.87 25.09 38.79
C VAL A 30 -26.91 23.94 38.73
N HIS A 31 -27.04 23.14 39.77
CA HIS A 31 -27.97 22.03 39.80
C HIS A 31 -29.37 22.57 40.14
N SER A 32 -30.41 21.80 39.84
CA SER A 32 -31.82 22.12 40.12
C SER A 32 -32.14 22.11 41.61
N ASN A 33 -31.09 21.98 42.44
CA ASN A 33 -31.17 22.03 43.88
C ASN A 33 -30.09 22.98 44.35
N GLY A 34 -29.81 24.02 43.59
CA GLY A 34 -28.95 25.12 44.06
C GLY A 34 -27.44 24.99 44.19
N ASN A 35 -26.98 23.75 44.30
CA ASN A 35 -25.56 23.45 44.40
C ASN A 35 -24.98 23.43 43.00
N THR A 36 -23.72 23.83 42.80
CA THR A 36 -23.04 23.80 41.51
C THR A 36 -21.97 22.73 41.73
N TYR A 37 -21.77 21.73 40.89
CA TYR A 37 -20.78 20.67 41.11
C TYR A 37 -19.68 20.80 40.07
N LEU A 38 -18.71 21.61 40.45
CA LEU A 38 -17.53 21.80 39.67
C LEU A 38 -16.46 21.41 40.67
N ASN A 39 -15.53 20.54 40.21
CA ASN A 39 -14.43 19.92 40.97
C ASN A 39 -13.12 20.19 40.24
N TRP A 40 -12.00 20.24 40.96
CA TRP A 40 -10.63 20.46 40.44
C TRP A 40 -9.72 19.40 41.04
N TYR A 41 -8.83 18.87 40.21
CA TYR A 41 -7.94 17.78 40.58
C TYR A 41 -6.52 18.12 40.25
N LEU A 42 -5.58 17.72 41.07
CA LEU A 42 -4.21 17.85 40.64
C LEU A 42 -3.70 16.42 40.39
N GLN A 43 -2.93 16.21 39.35
CA GLN A 43 -2.26 14.93 39.16
C GLN A 43 -0.81 15.33 39.03
N LYS A 44 0.02 14.93 39.99
CA LYS A 44 1.44 15.21 39.87
C LYS A 44 2.00 14.03 39.05
N ALA A 45 3.10 14.20 38.32
CA ALA A 45 3.66 13.17 37.42
C ALA A 45 4.04 11.91 38.16
N GLY A 46 3.57 10.83 37.58
CA GLY A 46 3.79 9.52 38.16
C GLY A 46 2.78 9.19 39.23
N GLN A 47 1.82 10.05 39.51
CA GLN A 47 0.82 9.75 40.52
C GLN A 47 -0.52 9.96 39.85
N SER A 48 -1.49 9.60 40.68
CA SER A 48 -2.94 9.71 40.48
C SER A 48 -3.42 11.17 40.62
N PRO A 49 -4.64 11.55 40.19
CA PRO A 49 -5.31 12.78 40.67
C PRO A 49 -5.66 12.81 42.17
N LYS A 50 -5.89 14.00 42.73
CA LYS A 50 -6.35 14.22 44.11
C LYS A 50 -7.30 15.42 44.06
N LEU A 51 -8.27 15.45 44.97
CA LEU A 51 -9.33 16.47 45.08
C LEU A 51 -8.84 17.72 45.76
N LEU A 52 -8.69 18.75 44.98
CA LEU A 52 -8.28 20.01 45.51
C LEU A 52 -9.53 20.78 45.93
N ILE A 53 -10.49 21.08 45.05
CA ILE A 53 -11.62 21.92 45.39
C ILE A 53 -12.83 21.36 44.72
N TYR A 54 -13.82 21.02 45.51
CA TYR A 54 -15.11 20.62 45.01
C TYR A 54 -15.98 21.85 45.24
N LYS A 55 -17.09 21.81 44.51
CA LYS A 55 -18.13 22.83 44.50
C LYS A 55 -17.46 24.17 44.55
N VAL A 56 -16.82 24.50 43.43
CA VAL A 56 -16.17 25.78 43.12
C VAL A 56 -15.37 26.50 44.20
N SER A 57 -15.69 26.65 45.47
CA SER A 57 -14.84 27.29 46.45
C SER A 57 -14.46 26.43 47.67
N ASN A 58 -14.92 25.20 47.83
CA ASN A 58 -14.59 24.45 49.04
C ASN A 58 -13.33 23.60 48.90
N ARG A 59 -12.31 23.92 49.68
CA ARG A 59 -11.06 23.17 49.73
C ARG A 59 -11.38 21.84 50.38
N PHE A 60 -10.93 20.75 49.81
CA PHE A 60 -11.13 19.44 50.42
C PHE A 60 -10.16 19.42 51.60
N SER A 61 -10.59 18.78 52.66
CA SER A 61 -9.82 18.70 53.89
C SER A 61 -8.35 18.32 53.62
N GLY A 62 -7.49 19.30 53.86
CA GLY A 62 -6.09 19.03 53.70
C GLY A 62 -5.48 19.93 52.67
N VAL A 63 -6.26 20.47 51.74
CA VAL A 63 -5.72 21.44 50.78
C VAL A 63 -5.33 22.71 51.54
N PRO A 64 -4.12 23.26 51.26
CA PRO A 64 -3.71 24.58 51.73
C PRO A 64 -4.36 25.81 51.10
N ASP A 65 -4.38 26.83 51.95
CA ASP A 65 -4.90 28.20 51.72
C ASP A 65 -4.51 28.93 50.43
N ARG A 66 -3.49 28.42 49.75
CA ARG A 66 -3.04 29.05 48.52
C ARG A 66 -3.80 28.61 47.26
N PHE A 67 -4.66 27.63 47.41
CA PHE A 67 -5.50 27.15 46.34
C PHE A 67 -6.88 27.60 46.78
N SER A 68 -7.59 28.43 46.07
CA SER A 68 -8.96 28.78 46.39
C SER A 68 -9.64 28.97 45.01
N GLY A 69 -10.88 28.54 44.85
CA GLY A 69 -11.52 28.63 43.55
C GLY A 69 -12.63 29.65 43.59
N SER A 70 -13.11 30.10 42.44
CA SER A 70 -14.20 31.08 42.35
C SER A 70 -14.97 30.87 41.04
N GLY A 71 -16.10 31.59 40.84
CA GLY A 71 -16.86 31.61 39.59
C GLY A 71 -18.29 31.19 39.79
N SER A 72 -19.10 31.22 38.73
CA SER A 72 -20.52 30.81 38.76
C SER A 72 -21.08 30.42 37.41
N GLY A 73 -21.99 29.46 37.46
CA GLY A 73 -22.71 29.03 36.27
C GLY A 73 -22.00 28.29 35.13
N THR A 74 -21.18 28.99 34.36
CA THR A 74 -20.51 28.45 33.18
C THR A 74 -19.01 28.80 33.25
N ASP A 75 -18.59 29.76 34.09
CA ASP A 75 -17.21 30.20 34.08
C ASP A 75 -16.63 30.15 35.49
N PHE A 76 -15.47 29.52 35.63
CA PHE A 76 -14.89 29.18 36.93
C PHE A 76 -13.38 29.38 36.89
N THR A 77 -12.68 29.62 37.98
CA THR A 77 -11.23 29.81 37.99
C THR A 77 -10.52 29.12 39.20
N LEU A 78 -9.25 28.81 39.09
CA LEU A 78 -8.47 28.37 40.24
C LEU A 78 -7.30 29.36 40.13
N LYS A 79 -6.90 29.90 41.30
CA LYS A 79 -5.80 30.87 41.45
C LYS A 79 -4.98 30.24 42.55
N ILE A 80 -3.71 30.08 42.26
CA ILE A 80 -2.72 29.50 43.18
C ILE A 80 -2.00 30.76 43.64
N SER A 81 -1.80 31.08 44.90
CA SER A 81 -1.19 32.36 45.20
C SER A 81 0.29 32.34 44.90
N ARG A 82 1.06 31.49 45.57
CA ARG A 82 2.49 31.40 45.32
C ARG A 82 2.78 29.96 44.93
N VAL A 83 3.10 29.81 43.65
CA VAL A 83 3.42 28.49 43.09
C VAL A 83 4.73 27.94 43.69
N GLU A 84 4.59 27.04 44.65
CA GLU A 84 5.68 26.24 45.20
C GLU A 84 6.01 25.16 44.16
N ALA A 85 7.09 24.42 44.34
CA ALA A 85 7.44 23.32 43.43
C ALA A 85 6.43 22.18 43.49
N GLU A 86 5.84 21.94 44.64
CA GLU A 86 4.86 20.86 44.75
C GLU A 86 3.45 21.21 44.24
N ASP A 87 3.35 22.17 43.32
CA ASP A 87 2.09 22.56 42.74
C ASP A 87 2.17 22.31 41.24
N LEU A 88 3.31 21.81 40.80
CA LEU A 88 3.54 21.50 39.42
C LEU A 88 2.81 20.15 39.20
N GLY A 89 2.05 20.13 38.12
CA GLY A 89 1.28 18.96 37.75
C GLY A 89 0.23 19.39 36.76
N ILE A 90 -0.74 18.51 36.62
CA ILE A 90 -1.85 18.67 35.68
C ILE A 90 -3.03 18.95 36.58
N TYR A 91 -3.74 20.01 36.26
CA TYR A 91 -4.93 20.51 36.95
C TYR A 91 -6.06 20.25 35.98
N PHE A 92 -7.07 19.50 36.42
CA PHE A 92 -8.21 19.14 35.57
C PHE A 92 -9.49 19.63 36.23
N CYS A 93 -10.43 20.21 35.51
CA CYS A 93 -11.73 20.53 36.11
C CYS A 93 -12.68 19.39 35.84
N SER A 94 -13.71 19.24 36.65
CA SER A 94 -14.71 18.22 36.43
C SER A 94 -16.01 18.90 36.79
N GLN A 95 -17.09 18.40 36.18
CA GLN A 95 -18.43 18.76 36.49
C GLN A 95 -19.13 17.45 36.83
N THR A 96 -19.82 17.46 37.94
CA THR A 96 -20.61 16.33 38.40
C THR A 96 -22.13 16.56 38.37
N THR A 97 -22.46 17.70 37.73
CA THR A 97 -23.85 18.11 37.77
C THR A 97 -24.70 17.30 36.81
N HIS A 98 -24.15 17.06 35.65
CA HIS A 98 -24.95 16.37 34.70
C HIS A 98 -24.28 15.03 34.47
N VAL A 99 -25.10 14.15 33.91
CA VAL A 99 -24.65 12.83 33.57
C VAL A 99 -24.29 12.98 32.09
N PRO A 100 -23.21 12.33 31.65
CA PRO A 100 -22.19 11.75 32.51
C PRO A 100 -21.38 12.87 33.16
N PRO A 101 -20.76 12.65 34.35
CA PRO A 101 -19.57 13.36 34.84
C PRO A 101 -18.59 13.58 33.72
N THR A 102 -18.06 14.77 33.60
CA THR A 102 -17.11 15.06 32.55
C THR A 102 -16.00 15.90 33.19
N PHE A 103 -14.86 15.89 32.53
CA PHE A 103 -13.65 16.51 33.03
C PHE A 103 -13.28 17.41 31.84
N GLY A 104 -12.37 18.35 32.07
CA GLY A 104 -11.86 19.25 31.06
C GLY A 104 -10.48 18.78 30.69
N GLY A 105 -9.96 19.26 29.58
CA GLY A 105 -8.69 18.78 29.06
C GLY A 105 -7.42 18.62 29.91
N GLY A 106 -7.25 19.46 30.95
CA GLY A 106 -6.02 19.48 31.74
C GLY A 106 -5.14 20.68 31.45
N THR A 107 -4.34 21.04 32.42
CA THR A 107 -3.43 22.17 32.32
C THR A 107 -2.16 21.76 33.06
N LYS A 108 -1.03 21.92 32.38
CA LYS A 108 0.32 21.47 32.79
C LYS A 108 0.98 22.74 33.25
N LEU A 109 1.65 22.76 34.38
CA LEU A 109 2.37 23.97 34.71
C LEU A 109 3.79 23.50 34.69
N GLU A 110 4.41 24.22 33.79
CA GLU A 110 5.82 24.08 33.55
C GLU A 110 6.46 25.41 33.99
N ILE A 111 7.68 25.25 34.47
CA ILE A 111 8.54 26.31 34.91
C ILE A 111 9.13 26.92 33.66
N LYS A 112 9.23 28.22 33.77
CA LYS A 112 9.72 29.08 32.74
C LYS A 112 11.23 29.15 32.89
N ARG A 113 11.80 29.65 31.81
CA ARG A 113 13.22 29.93 31.65
C ARG A 113 13.22 30.61 30.28
N ALA A 114 14.43 30.98 29.84
CA ALA A 114 14.66 31.58 28.54
C ALA A 114 14.37 30.57 27.43
N ASP A 115 14.79 30.85 26.22
CA ASP A 115 14.63 29.88 25.17
C ASP A 115 15.86 28.98 25.32
N ALA A 116 15.89 28.01 24.42
CA ALA A 116 17.03 27.15 24.21
C ALA A 116 16.69 26.55 22.85
N ALA A 117 17.66 26.64 21.96
CA ALA A 117 17.57 26.08 20.61
C ALA A 117 17.91 24.61 20.78
N PRO A 118 17.28 23.70 20.02
CA PRO A 118 17.60 22.28 20.08
C PRO A 118 18.98 21.89 19.55
N THR A 119 19.81 21.25 20.37
CA THR A 119 21.06 20.66 19.88
C THR A 119 20.73 19.32 19.15
N VAL A 120 20.68 19.38 17.82
CA VAL A 120 20.30 18.22 17.01
C VAL A 120 21.50 17.32 16.84
N SER A 121 21.30 16.05 16.60
CA SER A 121 22.30 15.02 16.30
C SER A 121 21.56 14.10 15.29
N ILE A 122 22.16 13.64 14.17
CA ILE A 122 21.53 12.68 13.27
C ILE A 122 22.46 11.46 13.30
N PHE A 123 21.86 10.27 13.37
CA PHE A 123 22.54 8.99 13.54
C PHE A 123 22.23 8.03 12.41
N PRO A 124 23.26 7.69 11.60
CA PRO A 124 23.25 6.59 10.63
C PRO A 124 22.84 5.27 11.25
N PRO A 125 22.23 4.35 10.51
CA PRO A 125 21.95 2.99 11.00
C PRO A 125 23.21 2.23 11.45
N SER A 126 23.02 1.50 12.54
CA SER A 126 24.00 0.59 13.12
C SER A 126 24.28 -0.65 12.24
N SER A 127 25.54 -1.06 12.04
CA SER A 127 25.93 -2.24 11.26
C SER A 127 25.12 -3.46 11.68
N GLU A 128 24.98 -3.70 12.99
CA GLU A 128 24.22 -4.81 13.58
C GLU A 128 22.78 -4.98 13.07
N GLN A 129 22.25 -3.87 12.59
CA GLN A 129 20.87 -3.80 12.21
C GLN A 129 20.68 -4.13 10.75
N LEU A 130 21.66 -3.61 10.01
CA LEU A 130 21.71 -3.78 8.57
C LEU A 130 21.89 -5.27 8.33
N THR A 131 22.68 -5.96 9.14
CA THR A 131 22.77 -7.41 9.06
C THR A 131 21.36 -7.97 9.33
N SER A 132 20.53 -7.44 10.25
CA SER A 132 19.23 -8.03 10.54
C SER A 132 18.14 -7.65 9.54
N GLY A 133 18.48 -6.86 8.51
CA GLY A 133 17.53 -6.47 7.47
C GLY A 133 16.91 -5.09 7.64
N GLY A 134 17.28 -4.34 8.67
CA GLY A 134 16.63 -3.05 8.89
C GLY A 134 17.60 -1.90 8.80
N ALA A 135 17.02 -0.72 8.69
CA ALA A 135 17.78 0.53 8.78
C ALA A 135 17.01 1.62 9.53
N SER A 136 17.33 2.05 10.74
CA SER A 136 16.56 3.14 11.30
C SER A 136 17.53 4.26 11.58
N VAL A 137 17.15 5.48 11.19
CA VAL A 137 17.93 6.69 11.35
C VAL A 137 17.25 7.44 12.50
N VAL A 138 18.06 7.92 13.44
CA VAL A 138 17.58 8.54 14.67
C VAL A 138 18.16 9.94 14.63
N CYS A 139 17.35 10.88 15.05
CA CYS A 139 17.74 12.27 15.23
C CYS A 139 17.54 12.41 16.74
N PHE A 140 18.49 13.02 17.41
CA PHE A 140 18.37 13.37 18.82
C PHE A 140 18.27 14.89 18.87
N LEU A 141 17.32 15.48 19.59
CA LEU A 141 17.15 16.95 19.65
C LEU A 141 17.01 17.31 21.13
N ASN A 142 18.14 17.76 21.62
CA ASN A 142 18.28 17.99 23.05
C ASN A 142 18.35 19.46 23.47
N ASN A 143 17.98 19.57 24.74
CA ASN A 143 17.95 20.79 25.53
C ASN A 143 17.52 22.06 24.79
N PHE A 144 16.19 22.16 24.68
CA PHE A 144 15.47 23.27 24.08
C PHE A 144 14.27 23.75 24.94
N TYR A 145 13.79 24.95 24.62
CA TYR A 145 12.64 25.62 25.28
C TYR A 145 12.02 26.67 24.35
N PRO A 146 10.67 26.74 24.14
CA PRO A 146 9.62 25.89 24.77
C PRO A 146 9.51 24.45 24.29
N LYS A 147 8.43 23.74 24.59
CA LYS A 147 8.23 22.36 24.12
C LYS A 147 7.70 22.33 22.68
N ASP A 148 7.87 23.36 21.85
CA ASP A 148 7.18 23.41 20.56
C ASP A 148 8.20 23.35 19.46
N ILE A 149 8.20 22.26 18.70
CA ILE A 149 9.17 22.07 17.63
C ILE A 149 8.47 21.33 16.49
N ASN A 150 8.99 21.46 15.28
CA ASN A 150 8.51 20.71 14.14
C ASN A 150 9.73 19.92 13.67
N VAL A 151 9.66 18.62 13.44
CA VAL A 151 10.78 17.84 12.94
C VAL A 151 10.25 17.19 11.66
N LYS A 152 10.89 17.46 10.54
CA LYS A 152 10.53 16.85 9.26
C LYS A 152 11.79 16.11 8.82
N TRP A 153 11.58 14.92 8.27
CA TRP A 153 12.68 14.10 7.73
C TRP A 153 12.56 14.23 6.22
N LYS A 154 13.67 14.33 5.50
CA LYS A 154 13.69 14.52 4.05
C LYS A 154 14.78 13.63 3.47
N ILE A 155 14.31 12.56 2.86
CA ILE A 155 15.15 11.52 2.26
C ILE A 155 15.21 11.83 0.76
N ASP A 156 16.34 12.50 0.54
CA ASP A 156 16.75 13.07 -0.72
C ASP A 156 15.87 14.27 -1.10
N GLY A 157 15.81 15.30 -0.26
CA GLY A 157 15.08 16.50 -0.59
C GLY A 157 13.59 16.41 -0.33
N SER A 158 12.99 15.33 -0.81
CA SER A 158 11.58 15.03 -0.61
C SER A 158 11.37 14.63 0.86
N GLU A 159 10.29 15.08 1.51
CA GLU A 159 10.03 14.80 2.92
C GLU A 159 9.33 13.47 3.19
N ARG A 160 9.43 12.90 4.39
CA ARG A 160 8.84 11.61 4.74
C ARG A 160 8.25 11.55 6.15
N GLN A 161 7.06 10.94 6.20
CA GLN A 161 6.31 10.73 7.45
C GLN A 161 6.11 9.25 7.75
N ASN A 162 5.66 8.52 6.73
CA ASN A 162 5.36 7.10 6.88
C ASN A 162 6.59 6.40 7.43
N GLY A 163 6.40 6.01 8.68
CA GLY A 163 7.40 5.27 9.41
C GLY A 163 8.19 6.10 10.41
N VAL A 164 7.65 7.21 10.92
CA VAL A 164 8.34 7.96 11.97
C VAL A 164 7.72 7.64 13.34
N LEU A 165 8.62 7.62 14.30
CA LEU A 165 8.44 7.21 15.68
C LEU A 165 8.93 8.42 16.51
N ASN A 166 8.23 9.01 17.50
CA ASN A 166 8.70 10.23 18.20
C ASN A 166 8.37 10.15 19.67
N SER A 167 9.22 10.68 20.52
CA SER A 167 9.08 10.52 21.98
C SER A 167 9.53 11.78 22.71
N TRP A 168 9.13 12.02 23.96
CA TRP A 168 9.39 13.29 24.63
C TRP A 168 9.79 13.27 26.10
N THR A 169 10.72 14.16 26.40
CA THR A 169 11.11 14.38 27.78
C THR A 169 10.04 15.34 28.31
N ASP A 170 9.87 15.35 29.63
CA ASP A 170 9.06 16.36 30.29
C ASP A 170 10.06 17.47 30.67
N GLN A 171 9.90 18.22 31.75
CA GLN A 171 10.86 19.29 32.07
C GLN A 171 12.01 18.74 32.87
N ASP A 172 13.22 19.13 32.52
CA ASP A 172 14.32 18.66 33.33
C ASP A 172 14.46 19.53 34.56
N SER A 173 14.46 18.89 35.72
CA SER A 173 14.72 19.52 37.01
C SER A 173 16.23 19.78 37.21
N LYS A 174 16.85 20.45 36.25
CA LYS A 174 18.25 20.85 36.26
C LYS A 174 18.20 22.18 35.55
N ASP A 175 17.73 22.17 34.28
CA ASP A 175 17.76 23.34 33.42
C ASP A 175 16.50 23.47 32.58
N SER A 176 15.38 23.12 33.21
CA SER A 176 14.03 23.19 32.69
C SER A 176 13.74 23.18 31.19
N THR A 177 14.45 22.26 30.53
CA THR A 177 14.30 22.02 29.10
C THR A 177 13.51 20.73 28.86
N TYR A 178 13.28 20.63 27.55
CA TYR A 178 12.67 19.48 26.86
C TYR A 178 13.67 18.82 25.90
N SER A 179 13.52 17.54 25.61
CA SER A 179 14.35 16.84 24.62
C SER A 179 13.36 15.99 23.82
N MET A 180 13.79 15.55 22.65
CA MET A 180 12.97 14.75 21.77
C MET A 180 13.85 13.77 20.97
N SER A 181 13.27 12.63 20.61
CA SER A 181 13.87 11.73 19.64
C SER A 181 12.91 11.53 18.45
N SER A 182 13.46 11.39 17.26
CA SER A 182 12.63 11.10 16.09
C SER A 182 13.41 9.97 15.42
N THR A 183 12.77 8.81 15.30
CA THR A 183 13.35 7.66 14.64
C THR A 183 12.53 7.40 13.38
N LEU A 184 13.20 7.54 12.26
CA LEU A 184 12.68 7.11 10.97
C LEU A 184 13.14 5.66 10.76
N THR A 185 12.19 4.74 10.74
CA THR A 185 12.49 3.34 10.56
C THR A 185 12.18 3.04 9.09
N LEU A 186 13.25 2.78 8.35
CA LEU A 186 13.17 2.36 6.94
C LEU A 186 13.46 0.86 6.91
N THR A 187 13.64 0.30 5.72
CA THR A 187 14.06 -1.10 5.51
C THR A 187 15.43 -1.05 4.85
N LYS A 188 16.25 -2.08 4.94
CA LYS A 188 17.59 -2.11 4.35
C LYS A 188 17.58 -1.74 2.87
N ASP A 189 16.63 -2.22 2.10
CA ASP A 189 16.50 -1.88 0.69
C ASP A 189 16.07 -0.43 0.43
N GLU A 190 15.31 0.24 1.30
CA GLU A 190 14.93 1.65 1.06
C GLU A 190 16.16 2.52 1.30
N TYR A 191 16.87 2.11 2.35
CA TYR A 191 18.11 2.74 2.79
C TYR A 191 19.13 2.66 1.66
N GLU A 192 19.36 1.49 1.09
CA GLU A 192 20.27 1.28 -0.05
C GLU A 192 19.78 1.98 -1.32
N ARG A 193 18.46 2.13 -1.36
CA ARG A 193 17.81 2.79 -2.49
C ARG A 193 18.08 4.29 -2.44
N HIS A 194 18.45 4.90 -1.31
CA HIS A 194 18.53 6.36 -1.26
C HIS A 194 19.78 6.85 -0.65
N ASN A 195 20.17 8.13 -0.85
CA ASN A 195 21.44 8.58 -0.28
C ASN A 195 21.45 9.68 0.80
N SER A 196 20.98 10.92 0.64
CA SER A 196 21.04 11.88 1.74
C SER A 196 19.75 11.84 2.59
N TYR A 197 20.00 11.85 3.90
CA TYR A 197 18.99 11.80 4.94
C TYR A 197 19.04 13.12 5.73
N THR A 198 17.94 13.89 5.70
CA THR A 198 17.80 15.15 6.41
C THR A 198 16.78 15.07 7.55
N CYS A 199 17.15 15.74 8.63
CA CYS A 199 16.40 15.91 9.85
C CYS A 199 16.30 17.43 10.16
N GLU A 200 15.13 18.09 10.22
CA GLU A 200 14.99 19.54 10.44
C GLU A 200 14.13 19.98 11.61
N ALA A 201 14.68 20.74 12.53
CA ALA A 201 13.97 21.28 13.66
C ALA A 201 13.58 22.77 13.47
N THR A 202 12.30 22.99 13.29
CA THR A 202 11.72 24.32 13.17
C THR A 202 11.20 24.69 14.59
N HIS A 203 11.64 25.80 15.17
CA HIS A 203 11.32 26.20 16.55
C HIS A 203 11.76 27.66 16.69
N LYS A 204 11.11 28.42 17.57
CA LYS A 204 11.52 29.79 17.90
C LYS A 204 12.89 29.69 18.58
N THR A 205 13.89 30.04 17.77
CA THR A 205 15.32 30.19 18.09
C THR A 205 16.15 30.50 16.82
N SER A 206 15.52 30.19 15.68
CA SER A 206 16.01 30.37 14.32
C SER A 206 14.72 30.62 13.55
N THR A 207 14.75 31.53 12.59
CA THR A 207 13.62 31.78 11.67
C THR A 207 13.86 30.72 10.58
N SER A 208 15.13 30.65 10.20
CA SER A 208 15.69 29.68 9.27
C SER A 208 15.74 28.32 9.99
N PRO A 209 15.11 27.22 9.55
CA PRO A 209 15.18 25.88 10.18
C PRO A 209 16.55 25.36 10.60
N ILE A 210 16.60 24.64 11.74
CA ILE A 210 17.81 23.96 12.19
C ILE A 210 17.79 22.65 11.41
N VAL A 211 18.88 22.35 10.72
CA VAL A 211 18.93 21.26 9.74
C VAL A 211 19.99 20.26 10.19
N LYS A 212 19.92 18.98 9.83
CA LYS A 212 21.00 18.05 10.19
C LYS A 212 20.92 16.93 9.16
N SER A 213 21.98 16.69 8.41
CA SER A 213 21.93 15.65 7.40
C SER A 213 23.18 14.79 7.33
N PHE A 214 23.11 13.71 6.55
CA PHE A 214 24.25 12.88 6.22
C PHE A 214 23.85 12.20 4.93
N ASN A 215 24.82 11.60 4.30
CA ASN A 215 24.64 10.86 3.05
C ASN A 215 25.06 9.47 3.45
N ARG A 216 24.51 8.38 2.92
CA ARG A 216 25.11 7.06 3.16
C ARG A 216 26.14 6.87 2.02
N VAL B 2 -8.71 6.50 53.60
CA VAL B 2 -9.55 5.38 53.09
C VAL B 2 -8.62 4.96 51.98
N GLN B 3 -8.40 3.66 51.93
CA GLN B 3 -7.44 3.04 51.04
C GLN B 3 -8.21 2.11 50.12
N LEU B 4 -7.72 2.03 48.88
CA LEU B 4 -8.30 1.19 47.83
C LEU B 4 -7.25 0.23 47.21
N GLN B 5 -7.63 -1.03 47.02
CA GLN B 5 -6.80 -2.07 46.41
C GLN B 5 -7.27 -2.31 44.99
N GLN B 6 -6.30 -2.38 44.07
CA GLN B 6 -6.52 -2.55 42.64
C GLN B 6 -5.67 -3.69 42.04
N SER B 7 -5.84 -4.02 40.75
CA SER B 7 -5.14 -5.13 40.09
C SER B 7 -3.74 -4.90 39.49
N GLY B 8 -3.15 -5.98 38.97
CA GLY B 8 -1.88 -5.86 38.30
C GLY B 8 -2.02 -5.19 36.96
N PRO B 9 -0.95 -4.82 36.23
CA PRO B 9 -1.01 -4.46 34.82
C PRO B 9 -1.62 -5.60 34.00
N GLU B 10 -2.39 -5.39 32.96
CA GLU B 10 -3.02 -6.51 32.30
C GLU B 10 -2.76 -6.37 30.82
N LEU B 11 -1.72 -7.11 30.42
CA LEU B 11 -1.31 -7.22 29.02
C LEU B 11 -2.23 -8.23 28.41
N VAL B 12 -2.96 -7.95 27.34
CA VAL B 12 -3.82 -8.95 26.67
C VAL B 12 -3.85 -8.70 25.16
N LYS B 13 -4.45 -9.60 24.35
CA LYS B 13 -4.48 -9.51 22.88
C LYS B 13 -5.90 -9.13 22.52
N PRO B 14 -6.21 -8.44 21.40
CA PRO B 14 -7.55 -7.91 21.08
C PRO B 14 -8.67 -8.93 21.13
N GLY B 15 -9.91 -8.65 21.54
CA GLY B 15 -10.91 -9.70 21.69
C GLY B 15 -11.02 -10.18 23.13
N ALA B 16 -10.19 -9.65 24.01
CA ALA B 16 -10.17 -9.93 25.45
C ALA B 16 -11.25 -9.26 26.32
N SER B 17 -11.53 -10.01 27.39
CA SER B 17 -12.43 -9.68 28.47
C SER B 17 -11.55 -9.74 29.73
N VAL B 18 -10.95 -8.59 29.98
CA VAL B 18 -10.10 -8.39 31.16
C VAL B 18 -11.03 -7.96 32.29
N ARG B 19 -10.63 -8.17 33.53
CA ARG B 19 -11.41 -7.85 34.71
C ARG B 19 -10.38 -7.32 35.68
N MET B 20 -10.76 -6.25 36.34
CA MET B 20 -9.92 -5.55 37.29
C MET B 20 -10.79 -5.47 38.52
N SER B 21 -10.21 -5.32 39.68
CA SER B 21 -11.02 -5.24 40.86
C SER B 21 -10.46 -4.08 41.65
N CYS B 22 -11.34 -3.63 42.51
CA CYS B 22 -11.04 -2.59 43.45
C CYS B 22 -11.77 -3.09 44.68
N LYS B 23 -11.02 -3.38 45.73
CA LYS B 23 -11.61 -3.73 47.01
C LYS B 23 -11.10 -2.64 47.93
N SER B 24 -12.05 -1.95 48.54
CA SER B 24 -11.70 -0.83 49.39
C SER B 24 -11.84 -1.31 50.80
N SER B 25 -10.91 -0.74 51.55
CA SER B 25 -10.79 -0.99 52.96
C SER B 25 -10.15 0.30 53.45
N GLY B 26 -11.20 1.01 53.83
CA GLY B 26 -11.16 2.34 54.36
C GLY B 26 -12.61 2.74 54.57
N TYR B 27 -13.40 2.84 53.48
CA TYR B 27 -14.82 3.24 53.54
C TYR B 27 -15.79 2.06 53.69
N ILE B 28 -16.02 1.78 54.96
CA ILE B 28 -16.93 0.78 55.46
C ILE B 28 -17.84 1.67 56.34
N PHE B 29 -19.13 1.38 56.19
CA PHE B 29 -20.31 2.06 56.77
C PHE B 29 -20.60 3.45 56.21
N THR B 30 -19.59 4.08 55.63
CA THR B 30 -19.81 5.25 54.78
C THR B 30 -20.47 4.54 53.58
N ASP B 31 -21.77 4.78 53.36
CA ASP B 31 -22.55 4.17 52.26
C ASP B 31 -22.39 4.97 50.97
N PHE B 32 -21.14 4.73 50.58
CA PHE B 32 -20.42 5.35 49.50
C PHE B 32 -20.43 4.61 48.16
N TYR B 33 -19.67 5.16 47.23
CA TYR B 33 -19.52 4.64 45.89
C TYR B 33 -18.05 4.52 45.54
N MET B 34 -17.88 3.40 44.82
CA MET B 34 -16.67 2.92 44.16
C MET B 34 -16.87 3.53 42.76
N ASN B 35 -15.93 4.33 42.27
CA ASN B 35 -15.99 5.03 40.99
C ASN B 35 -14.91 4.46 40.12
N TRP B 36 -15.17 4.46 38.83
CA TRP B 36 -14.20 3.98 37.87
C TRP B 36 -14.13 5.01 36.80
N VAL B 37 -12.86 5.35 36.55
CA VAL B 37 -12.43 6.36 35.58
C VAL B 37 -11.22 5.83 34.77
N ARG B 38 -11.16 6.25 33.53
CA ARG B 38 -10.13 5.87 32.60
C ARG B 38 -9.14 7.00 32.37
N GLN B 39 -7.83 6.79 32.31
CA GLN B 39 -6.89 7.87 31.97
C GLN B 39 -6.14 7.44 30.71
N SER B 40 -6.34 8.23 29.70
CA SER B 40 -5.78 7.99 28.40
C SER B 40 -4.26 8.15 28.38
N HIS B 41 -3.68 8.20 27.20
CA HIS B 41 -2.24 8.21 27.00
C HIS B 41 -1.77 9.65 27.26
N GLY B 42 -1.23 9.88 28.45
CA GLY B 42 -0.69 11.17 28.81
C GLY B 42 -1.60 11.98 29.72
N LYS B 43 -2.83 12.31 29.29
CA LYS B 43 -3.67 13.12 30.14
C LYS B 43 -5.15 12.82 30.22
N SER B 44 -5.93 12.94 29.14
CA SER B 44 -7.40 12.79 29.04
C SER B 44 -8.09 11.82 29.98
N LEU B 45 -9.31 12.09 30.44
CA LEU B 45 -9.99 11.26 31.43
C LEU B 45 -11.39 11.04 30.94
N ASP B 46 -11.91 9.82 31.09
CA ASP B 46 -13.29 9.50 30.72
C ASP B 46 -13.84 8.79 31.92
N TYR B 47 -15.12 9.05 32.22
CA TYR B 47 -15.81 8.52 33.39
C TYR B 47 -16.34 7.22 32.85
N ILE B 48 -16.30 6.18 33.68
CA ILE B 48 -16.94 4.94 33.30
C ILE B 48 -18.21 4.77 34.11
N GLY B 49 -18.18 4.91 35.44
CA GLY B 49 -19.38 4.62 36.20
C GLY B 49 -19.06 4.43 37.65
N TYR B 50 -20.01 3.87 38.40
CA TYR B 50 -19.85 3.74 39.85
C TYR B 50 -20.71 2.59 40.35
N ILE B 51 -20.39 2.12 41.55
CA ILE B 51 -21.20 1.11 42.17
C ILE B 51 -21.14 1.32 43.68
N SER B 52 -22.27 1.18 44.31
CA SER B 52 -22.37 1.28 45.75
C SER B 52 -22.14 -0.15 46.25
N PRO B 53 -21.13 -0.48 47.08
CA PRO B 53 -21.02 -1.78 47.79
C PRO B 53 -22.21 -1.98 48.72
N TYR B 54 -22.44 -1.06 49.68
CA TYR B 54 -23.56 -1.11 50.63
C TYR B 54 -24.99 -1.04 50.05
N SER B 55 -25.21 -1.28 48.75
CA SER B 55 -26.53 -1.18 48.13
C SER B 55 -26.65 -1.97 46.82
N GLY B 56 -25.63 -1.76 45.98
CA GLY B 56 -25.62 -2.29 44.62
C GLY B 56 -26.22 -1.28 43.66
N VAL B 57 -25.84 0.00 43.75
CA VAL B 57 -26.38 1.01 42.82
C VAL B 57 -25.27 1.13 41.77
N THR B 58 -25.63 0.95 40.51
CA THR B 58 -24.73 0.94 39.36
C THR B 58 -25.23 1.93 38.29
N GLY B 59 -24.33 2.70 37.68
CA GLY B 59 -24.66 3.64 36.63
C GLY B 59 -23.44 3.80 35.75
N TYR B 60 -23.61 4.04 34.46
CA TYR B 60 -22.49 4.13 33.53
C TYR B 60 -22.61 5.35 32.62
N ASN B 61 -21.46 5.84 32.18
CA ASN B 61 -21.37 6.89 31.17
C ASN B 61 -21.96 6.16 29.98
N GLN B 62 -22.90 6.71 29.25
CA GLN B 62 -23.58 5.98 28.17
C GLN B 62 -22.77 6.23 26.89
N LYS B 63 -21.76 5.37 26.86
CA LYS B 63 -20.74 5.20 25.81
C LYS B 63 -19.71 4.18 26.29
N PHE B 64 -19.68 3.92 27.60
CA PHE B 64 -18.94 2.79 28.20
C PHE B 64 -19.92 1.64 28.51
N LYS B 65 -21.17 2.08 28.65
CA LYS B 65 -22.37 1.22 28.71
C LYS B 65 -22.26 0.62 27.31
N GLY B 66 -21.67 -0.57 27.34
CA GLY B 66 -21.30 -1.30 26.14
C GLY B 66 -20.01 -2.05 26.42
N LYS B 67 -18.84 -1.42 26.66
CA LYS B 67 -17.60 -2.16 26.87
C LYS B 67 -17.30 -2.54 28.31
N ALA B 68 -17.90 -1.88 29.29
CA ALA B 68 -17.66 -2.23 30.69
C ALA B 68 -18.91 -2.78 31.39
N THR B 69 -18.73 -3.40 32.54
CA THR B 69 -19.80 -3.88 33.39
C THR B 69 -19.24 -3.70 34.80
N LEU B 70 -20.10 -3.53 35.79
CA LEU B 70 -19.66 -3.29 37.14
C LEU B 70 -20.20 -4.46 37.96
N THR B 71 -19.41 -4.97 38.92
CA THR B 71 -19.80 -6.07 39.81
C THR B 71 -19.36 -5.74 41.24
N VAL B 72 -19.98 -6.26 42.28
CA VAL B 72 -19.47 -6.07 43.63
C VAL B 72 -19.88 -7.30 44.42
N ASP B 73 -18.85 -7.86 45.03
CA ASP B 73 -18.96 -8.91 46.01
C ASP B 73 -18.64 -8.07 47.26
N LYS B 74 -19.73 -7.44 47.70
CA LYS B 74 -19.73 -6.51 48.82
C LYS B 74 -19.12 -7.07 50.10
N SER B 75 -19.30 -8.37 50.34
CA SER B 75 -18.72 -9.08 51.48
C SER B 75 -17.20 -8.90 51.52
N SER B 76 -16.66 -9.27 50.37
CA SER B 76 -15.22 -9.29 50.10
C SER B 76 -14.60 -7.90 49.89
N SER B 77 -15.51 -6.92 49.91
CA SER B 77 -15.25 -5.50 49.70
C SER B 77 -14.82 -5.25 48.26
N THR B 78 -14.92 -6.25 47.40
CA THR B 78 -14.40 -6.20 46.04
C THR B 78 -15.47 -5.85 45.02
N ALA B 79 -15.19 -4.90 44.17
CA ALA B 79 -16.09 -4.52 43.11
C ALA B 79 -15.13 -4.55 41.94
N TYR B 80 -15.66 -5.11 40.87
CA TYR B 80 -14.91 -5.43 39.66
C TYR B 80 -15.45 -4.66 38.48
N MET B 81 -14.56 -4.38 37.55
CA MET B 81 -14.95 -3.78 36.29
C MET B 81 -14.51 -4.84 35.26
N GLU B 82 -15.34 -5.19 34.29
CA GLU B 82 -14.86 -6.09 33.25
C GLU B 82 -15.01 -5.40 31.91
N LEU B 83 -13.84 -5.27 31.29
CA LEU B 83 -13.69 -4.67 29.97
C LEU B 83 -13.57 -5.82 28.98
N ARG B 84 -14.68 -5.96 28.26
CA ARG B 84 -14.85 -7.01 27.29
C ARG B 84 -14.60 -6.45 25.89
N SER B 85 -14.32 -7.33 24.91
CA SER B 85 -14.14 -6.99 23.49
C SER B 85 -12.95 -6.09 23.13
N LEU B 86 -11.95 -5.99 23.98
CA LEU B 86 -10.85 -5.02 23.83
C LEU B 86 -10.11 -4.85 22.53
N THR B 87 -9.93 -3.60 22.15
CA THR B 87 -9.15 -3.16 20.98
C THR B 87 -7.99 -2.33 21.49
N SER B 88 -7.01 -2.10 20.62
CA SER B 88 -5.79 -1.37 20.90
C SER B 88 -5.95 -0.12 21.75
N GLU B 89 -6.99 0.66 21.43
CA GLU B 89 -7.34 1.90 22.13
C GLU B 89 -7.31 1.77 23.65
N ASP B 90 -7.95 0.69 24.12
CA ASP B 90 -8.21 0.45 25.54
C ASP B 90 -6.95 0.33 26.39
N SER B 91 -5.76 0.34 25.80
CA SER B 91 -4.51 0.34 26.53
C SER B 91 -4.40 1.66 27.29
N ALA B 92 -4.71 1.68 28.58
CA ALA B 92 -4.68 2.90 29.37
C ALA B 92 -4.63 2.58 30.85
N VAL B 93 -4.56 3.63 31.66
CA VAL B 93 -4.63 3.47 33.11
C VAL B 93 -6.13 3.42 33.39
N TYR B 94 -6.46 2.68 34.42
CA TYR B 94 -7.83 2.59 34.89
C TYR B 94 -7.68 2.73 36.38
N TYR B 95 -8.55 3.65 36.81
CA TYR B 95 -8.59 4.19 38.15
C TYR B 95 -9.85 3.84 38.84
N CYS B 96 -9.65 3.60 40.10
CA CYS B 96 -10.76 3.33 41.00
C CYS B 96 -10.81 4.65 41.80
N ALA B 97 -11.89 4.89 42.55
CA ALA B 97 -12.03 6.14 43.26
C ALA B 97 -13.20 6.11 44.20
N GLY B 98 -13.09 6.53 45.44
CA GLY B 98 -14.23 6.56 46.34
C GLY B 98 -14.77 7.96 46.46
N SER B 99 -16.08 7.99 46.64
CA SER B 99 -16.84 9.21 46.82
C SER B 99 -17.86 9.02 47.95
N SER B 100 -18.07 10.06 48.76
CA SER B 100 -19.10 10.04 49.79
C SER B 100 -19.67 11.44 49.89
N GLY B 101 -20.93 11.43 50.30
CA GLY B 101 -21.68 12.65 50.58
C GLY B 101 -21.74 13.68 49.48
N ASN B 102 -22.35 14.78 49.89
CA ASN B 102 -22.64 15.98 49.10
C ASN B 102 -21.63 16.49 48.08
N LYS B 103 -20.37 16.14 48.22
CA LYS B 103 -19.30 16.72 47.42
C LYS B 103 -19.48 16.56 45.93
N TRP B 104 -19.86 15.30 45.65
CA TRP B 104 -19.95 14.68 44.33
C TRP B 104 -18.61 14.89 43.64
N ALA B 105 -17.57 14.58 44.39
CA ALA B 105 -16.17 14.66 43.99
C ALA B 105 -15.51 13.39 44.47
N MET B 106 -14.56 12.81 43.71
CA MET B 106 -13.88 11.55 44.08
C MET B 106 -12.68 11.93 44.90
N ASP B 107 -12.70 11.68 46.21
CA ASP B 107 -11.60 12.16 47.01
C ASP B 107 -10.46 11.17 47.21
N TYR B 108 -10.76 9.87 47.11
CA TYR B 108 -9.78 8.77 47.24
C TYR B 108 -9.63 7.86 46.02
N TRP B 109 -8.54 8.07 45.33
CA TRP B 109 -8.27 7.38 44.09
C TRP B 109 -7.28 6.28 44.42
N GLY B 110 -7.54 5.14 43.79
CA GLY B 110 -6.66 3.98 43.89
C GLY B 110 -5.30 4.28 43.27
N HIS B 111 -4.58 3.22 43.00
CA HIS B 111 -3.23 3.41 42.46
C HIS B 111 -3.13 3.30 40.92
N GLY B 112 -4.19 2.75 40.32
CA GLY B 112 -4.27 2.58 38.87
C GLY B 112 -3.65 1.30 38.32
N ALA B 113 -4.09 0.91 37.12
CA ALA B 113 -3.58 -0.29 36.43
C ALA B 113 -3.70 -0.14 34.92
N SER B 114 -2.57 -0.32 34.27
CA SER B 114 -2.42 -0.25 32.83
C SER B 114 -2.95 -1.52 32.20
N VAL B 115 -3.83 -1.46 31.21
CA VAL B 115 -4.31 -2.64 30.48
C VAL B 115 -3.79 -2.55 29.04
N THR B 116 -2.52 -2.91 28.86
CA THR B 116 -1.80 -2.81 27.60
C THR B 116 -2.27 -3.93 26.68
N VAL B 117 -2.71 -3.61 25.48
CA VAL B 117 -3.14 -4.62 24.54
C VAL B 117 -2.06 -4.70 23.45
N SER B 118 -1.73 -5.96 23.09
CA SER B 118 -0.80 -6.38 22.04
C SER B 118 -0.97 -7.87 21.79
N SER B 119 -0.86 -8.20 20.51
CA SER B 119 -0.94 -9.56 19.96
C SER B 119 0.49 -10.16 19.84
N ALA B 120 1.39 -9.97 20.81
CA ALA B 120 2.77 -10.45 20.77
C ALA B 120 3.12 -11.02 22.15
N LYS B 121 3.98 -12.03 22.24
CA LYS B 121 4.43 -12.60 23.53
C LYS B 121 5.85 -12.08 23.78
N THR B 122 6.30 -12.10 25.00
CA THR B 122 7.58 -11.56 25.43
C THR B 122 8.85 -11.52 24.53
N THR B 123 8.77 -10.79 23.44
CA THR B 123 9.88 -10.58 22.55
C THR B 123 10.93 -9.77 23.29
N ALA B 124 12.11 -10.36 23.45
CA ALA B 124 13.27 -9.68 24.03
C ALA B 124 13.75 -8.61 23.05
N PRO B 125 14.66 -7.66 23.35
CA PRO B 125 15.01 -6.55 22.44
C PRO B 125 16.33 -6.59 21.68
N SER B 126 16.33 -5.97 20.51
CA SER B 126 17.54 -5.76 19.77
C SER B 126 18.07 -4.46 20.37
N VAL B 127 19.37 -4.26 20.50
CA VAL B 127 19.99 -3.13 21.17
C VAL B 127 21.06 -2.68 20.17
N TYR B 128 21.16 -1.45 19.71
CA TYR B 128 22.11 -1.07 18.67
C TYR B 128 22.92 0.14 19.07
N PRO B 129 24.20 0.25 18.69
CA PRO B 129 25.08 1.35 19.06
C PRO B 129 24.97 2.58 18.15
N LEU B 130 24.51 3.69 18.71
CA LEU B 130 24.40 4.90 17.91
C LEU B 130 25.71 5.61 18.22
N ALA B 131 26.81 5.16 17.60
CA ALA B 131 28.09 5.85 17.74
C ALA B 131 27.85 7.06 16.86
N PRO B 132 28.31 8.29 17.12
CA PRO B 132 28.09 9.43 16.21
C PRO B 132 28.68 9.22 14.84
N VAL B 133 28.02 8.37 14.06
CA VAL B 133 28.48 8.01 12.73
C VAL B 133 28.19 9.30 11.95
N CYS B 134 29.31 9.98 11.92
CA CYS B 134 29.52 11.28 11.34
C CYS B 134 28.52 12.45 11.28
N GLY B 135 28.19 12.72 12.54
CA GLY B 135 27.68 14.03 12.92
C GLY B 135 28.90 14.96 13.08
N ASP B 136 30.09 14.33 13.24
CA ASP B 136 31.43 14.90 13.38
C ASP B 136 31.56 15.64 14.70
N THR B 137 31.37 16.96 14.87
CA THR B 137 31.58 17.64 16.16
C THR B 137 30.87 18.97 16.34
N THR B 138 30.59 19.24 17.61
CA THR B 138 30.20 20.56 18.13
C THR B 138 31.39 20.97 19.04
N GLY B 139 32.61 20.59 18.62
CA GLY B 139 33.79 20.74 19.44
C GLY B 139 33.71 19.81 20.64
N SER B 140 33.05 20.31 21.69
CA SER B 140 32.87 19.61 22.95
C SER B 140 31.92 18.43 22.84
N SER B 141 30.80 18.67 22.20
CA SER B 141 29.74 17.70 22.12
C SER B 141 29.85 16.66 21.02
N VAL B 142 29.95 15.48 21.60
CA VAL B 142 29.85 14.22 20.91
C VAL B 142 28.71 13.61 21.74
N THR B 143 27.61 13.38 21.04
CA THR B 143 26.43 12.77 21.63
C THR B 143 26.37 11.38 21.00
N LEU B 144 26.36 10.35 21.83
CA LEU B 144 26.28 8.98 21.35
C LEU B 144 24.84 8.55 21.72
N GLY B 145 24.40 7.37 21.30
CA GLY B 145 23.07 6.92 21.63
C GLY B 145 23.03 5.42 21.68
N CYS B 146 21.91 4.82 22.05
CA CYS B 146 21.73 3.35 22.09
C CYS B 146 20.26 3.19 21.67
N LEU B 147 19.98 2.29 20.73
CA LEU B 147 18.61 2.10 20.23
C LEU B 147 18.08 0.75 20.70
N VAL B 148 17.12 0.70 21.62
CA VAL B 148 16.55 -0.57 22.11
C VAL B 148 15.27 -0.60 21.31
N LYS B 149 15.08 -1.66 20.54
CA LYS B 149 13.97 -1.72 19.62
C LYS B 149 13.49 -3.15 19.60
N GLY B 150 12.18 -3.26 19.43
CA GLY B 150 11.54 -4.54 19.24
C GLY B 150 11.22 -5.37 20.46
N TYR B 151 11.34 -4.88 21.69
CA TYR B 151 10.97 -5.69 22.84
C TYR B 151 9.45 -5.64 23.06
N PHE B 152 9.03 -6.43 24.02
CA PHE B 152 7.69 -6.43 24.55
C PHE B 152 7.83 -7.30 25.81
N PRO B 153 7.10 -7.05 26.89
CA PRO B 153 6.46 -5.77 27.18
C PRO B 153 7.46 -4.80 27.82
N GLU B 154 6.91 -3.74 28.38
CA GLU B 154 7.62 -2.68 29.08
C GLU B 154 7.92 -3.26 30.46
N PRO B 155 8.99 -2.99 31.23
CA PRO B 155 10.09 -2.07 30.90
C PRO B 155 11.47 -2.65 30.56
N VAL B 156 12.42 -1.73 30.43
CA VAL B 156 13.83 -2.01 30.24
C VAL B 156 14.52 -1.08 31.23
N THR B 157 15.75 -1.39 31.52
CA THR B 157 16.61 -0.67 32.44
C THR B 157 17.86 -0.44 31.60
N LEU B 158 18.04 0.79 31.15
CA LEU B 158 19.17 1.22 30.32
C LEU B 158 20.12 2.02 31.22
N THR B 159 21.25 1.49 31.71
CA THR B 159 22.21 2.33 32.43
C THR B 159 23.25 2.68 31.37
N TRP B 160 24.27 3.44 31.71
CA TRP B 160 25.39 3.68 30.82
C TRP B 160 26.52 3.62 31.82
N ASN B 161 27.42 2.71 31.46
CA ASN B 161 28.61 2.34 32.24
C ASN B 161 28.17 2.00 33.63
N SER B 162 27.46 0.88 33.70
CA SER B 162 26.94 0.31 34.95
C SER B 162 26.57 1.29 36.10
N GLY B 163 26.02 2.48 35.78
CA GLY B 163 25.55 3.41 36.79
C GLY B 163 26.42 4.64 37.08
N SER B 164 27.72 4.69 36.79
CA SER B 164 28.50 5.88 37.05
C SER B 164 28.47 6.82 35.87
N LEU B 165 27.63 6.65 34.87
CA LEU B 165 27.51 7.68 33.84
C LEU B 165 26.04 8.05 33.86
N SER B 166 25.85 9.20 34.50
CA SER B 166 24.54 9.84 34.76
C SER B 166 24.27 11.23 34.11
N SER B 167 25.28 12.07 34.25
CA SER B 167 25.28 13.44 33.79
C SER B 167 25.38 13.41 32.28
N GLY B 168 24.40 14.06 31.68
CA GLY B 168 24.29 14.24 30.25
C GLY B 168 23.42 13.17 29.59
N VAL B 169 22.82 12.26 30.36
CA VAL B 169 22.03 11.16 29.85
C VAL B 169 20.61 11.71 29.61
N HIS B 170 19.91 11.19 28.61
CA HIS B 170 18.57 11.62 28.24
C HIS B 170 17.94 10.37 27.67
N THR B 171 17.13 9.62 28.43
CA THR B 171 16.44 8.46 27.90
C THR B 171 14.99 8.92 27.61
N PHE B 172 14.47 8.59 26.42
CA PHE B 172 13.15 8.99 25.94
C PHE B 172 12.13 7.90 26.22
N PRO B 173 10.86 8.19 26.53
CA PRO B 173 9.82 7.21 26.86
C PRO B 173 9.53 6.13 25.79
N ALA B 174 9.22 4.90 26.17
CA ALA B 174 9.05 3.81 25.21
C ALA B 174 7.70 3.81 24.59
N VAL B 175 7.77 3.87 23.27
CA VAL B 175 6.60 3.96 22.41
C VAL B 175 6.56 2.66 21.62
N LEU B 176 5.37 2.27 21.26
CA LEU B 176 5.12 0.99 20.62
C LEU B 176 5.03 1.03 19.08
N GLN B 177 6.07 0.54 18.40
CA GLN B 177 6.00 0.30 16.95
C GLN B 177 5.14 -0.96 16.77
N SER B 178 3.94 -0.75 16.24
CA SER B 178 2.95 -1.77 15.89
C SER B 178 2.39 -2.75 16.95
N ASP B 179 3.16 -3.15 17.95
CA ASP B 179 2.85 -4.20 18.92
C ASP B 179 4.07 -4.35 19.81
N LEU B 180 5.19 -3.86 19.29
CA LEU B 180 6.53 -3.91 19.86
C LEU B 180 7.03 -2.54 20.30
N TYR B 181 7.81 -2.47 21.37
CA TYR B 181 8.33 -1.23 21.90
C TYR B 181 9.62 -0.73 21.28
N THR B 182 9.88 0.54 21.47
CA THR B 182 11.12 1.15 21.05
C THR B 182 11.48 2.22 22.11
N LEU B 183 12.77 2.46 22.26
CA LEU B 183 13.36 3.26 23.33
C LEU B 183 14.75 3.61 22.81
N SER B 184 15.27 4.78 23.18
CA SER B 184 16.63 5.20 22.88
C SER B 184 17.03 6.17 23.99
N SER B 185 18.32 6.24 24.26
CA SER B 185 18.89 7.21 25.16
C SER B 185 20.09 7.77 24.44
N SER B 186 20.46 8.94 24.91
CA SER B 186 21.67 9.62 24.48
C SER B 186 22.48 9.85 25.74
N VAL B 187 23.76 10.15 25.53
CA VAL B 187 24.74 10.39 26.58
C VAL B 187 25.62 11.42 25.85
N THR B 188 25.87 12.52 26.52
CA THR B 188 26.58 13.65 25.93
C THR B 188 27.89 13.85 26.69
N VAL B 189 29.02 14.13 26.05
CA VAL B 189 30.28 14.01 26.75
C VAL B 189 31.29 15.07 26.37
N THR B 190 32.46 15.03 27.04
CA THR B 190 33.65 15.83 26.73
C THR B 190 34.26 15.15 25.50
N SER B 191 34.94 15.87 24.62
CA SER B 191 35.63 15.27 23.50
C SER B 191 36.75 14.27 23.85
N SER B 192 37.06 14.00 25.12
CA SER B 192 38.15 13.11 25.48
C SER B 192 37.71 11.84 26.21
N THR B 193 36.48 11.70 26.75
CA THR B 193 36.08 10.41 27.30
C THR B 193 35.94 9.53 26.08
N TRP B 194 35.09 9.91 25.15
CA TRP B 194 34.99 9.14 23.92
C TRP B 194 36.19 9.55 23.06
N PRO B 195 36.72 8.74 22.12
CA PRO B 195 36.64 7.27 22.12
C PRO B 195 37.47 6.58 23.20
N SER B 196 38.48 7.28 23.69
CA SER B 196 39.47 6.77 24.65
C SER B 196 38.97 5.88 25.78
N GLN B 197 37.75 6.09 26.27
CA GLN B 197 37.19 5.24 27.32
C GLN B 197 35.85 4.71 26.89
N SER B 198 35.62 3.50 27.39
CA SER B 198 34.42 2.71 27.17
C SER B 198 33.17 3.45 27.61
N ILE B 199 32.27 3.70 26.66
CA ILE B 199 30.94 4.17 27.02
C ILE B 199 30.16 3.02 26.43
N THR B 200 29.67 2.26 27.35
CA THR B 200 28.88 1.11 27.03
C THR B 200 27.48 1.45 27.52
N CYS B 201 26.59 1.26 26.55
CA CYS B 201 25.18 1.34 26.78
C CYS B 201 24.84 0.05 27.56
N ASN B 202 23.84 -0.17 28.42
CA ASN B 202 23.79 -1.40 29.22
C ASN B 202 22.33 -1.79 29.46
N VAL B 203 21.71 -2.64 28.63
CA VAL B 203 20.26 -2.89 28.69
C VAL B 203 19.84 -4.21 29.32
N ALA B 204 18.95 -4.23 30.30
CA ALA B 204 18.43 -5.48 30.79
C ALA B 204 16.95 -5.49 30.48
N HIS B 205 16.36 -6.42 29.76
CA HIS B 205 14.90 -6.38 29.59
C HIS B 205 14.38 -7.50 30.48
N PRO B 206 14.20 -7.24 31.77
CA PRO B 206 14.16 -8.28 32.81
C PRO B 206 13.00 -9.25 32.67
N ALA B 207 11.90 -8.81 32.05
CA ALA B 207 10.73 -9.66 31.78
C ALA B 207 11.08 -10.86 30.87
N SER B 208 12.14 -10.79 30.07
CA SER B 208 12.56 -11.86 29.14
C SER B 208 14.00 -12.33 29.39
N SER B 209 14.45 -12.07 30.62
CA SER B 209 15.80 -12.42 31.10
C SER B 209 16.97 -11.97 30.17
N THR B 210 16.78 -10.79 29.61
CA THR B 210 17.72 -10.19 28.67
C THR B 210 18.58 -9.25 29.46
N LYS B 211 19.87 -9.33 29.25
CA LYS B 211 20.88 -8.47 29.85
C LYS B 211 21.77 -8.34 28.63
N VAL B 212 22.22 -7.13 28.28
CA VAL B 212 23.03 -6.91 27.09
C VAL B 212 23.85 -5.67 27.32
N ASP B 213 25.16 -5.68 27.28
CA ASP B 213 25.90 -4.43 27.39
C ASP B 213 26.30 -4.18 25.94
N LYS B 214 26.23 -3.00 25.40
CA LYS B 214 26.65 -2.77 24.02
C LYS B 214 27.67 -1.63 23.97
N LYS B 215 28.91 -1.85 23.58
CA LYS B 215 29.90 -0.78 23.61
C LYS B 215 29.69 0.11 22.41
N ILE B 216 29.74 1.40 22.70
CA ILE B 216 29.63 2.48 21.74
C ILE B 216 31.10 2.86 21.54
N GLU B 217 31.68 2.28 20.51
CA GLU B 217 33.05 2.60 20.12
C GLU B 217 32.88 3.30 18.76
N PRO B 218 34.02 3.84 18.34
CA PRO B 218 34.16 4.63 17.12
C PRO B 218 33.54 3.95 15.90
N ASP C 1 5.88 3.98 -8.77
CA ASP C 1 4.91 3.50 -9.79
C ASP C 1 3.83 3.24 -8.74
N VAL C 2 2.70 3.90 -9.00
CA VAL C 2 1.48 3.72 -8.25
C VAL C 2 0.97 2.64 -9.19
N VAL C 3 0.77 1.51 -8.58
CA VAL C 3 0.33 0.32 -9.27
C VAL C 3 -1.16 0.33 -9.13
N MET C 4 -1.82 0.18 -10.26
CA MET C 4 -3.25 -0.01 -10.34
C MET C 4 -3.42 -1.53 -10.42
N THR C 5 -4.50 -2.09 -9.95
CA THR C 5 -4.72 -3.52 -9.95
C THR C 5 -6.15 -3.69 -10.45
N GLN C 6 -6.41 -4.38 -11.57
CA GLN C 6 -7.79 -4.60 -12.01
C GLN C 6 -8.20 -5.96 -11.56
N THR C 7 -9.47 -6.35 -11.50
CA THR C 7 -9.87 -7.69 -11.06
C THR C 7 -11.24 -7.94 -11.66
N PRO C 8 -11.56 -9.10 -12.28
CA PRO C 8 -10.60 -10.16 -12.65
C PRO C 8 -10.00 -10.02 -14.07
N LEU C 9 -9.16 -10.91 -14.59
CA LEU C 9 -8.62 -10.66 -15.94
C LEU C 9 -9.60 -10.98 -17.06
N SER C 10 -10.63 -11.80 -16.88
CA SER C 10 -11.63 -12.04 -17.92
C SER C 10 -12.94 -12.14 -17.14
N LEU C 11 -13.99 -11.61 -17.76
CA LEU C 11 -15.31 -11.62 -17.17
C LEU C 11 -16.24 -12.15 -18.26
N PRO C 12 -16.96 -13.28 -18.10
CA PRO C 12 -18.00 -13.73 -19.03
C PRO C 12 -19.38 -13.23 -18.66
N VAL C 13 -20.04 -12.70 -19.68
CA VAL C 13 -21.37 -12.11 -19.54
C VAL C 13 -22.20 -12.56 -20.74
N SER C 14 -23.47 -12.93 -20.60
CA SER C 14 -24.34 -13.14 -21.77
C SER C 14 -24.71 -11.70 -22.15
N LEU C 15 -25.12 -11.39 -23.37
CA LEU C 15 -25.46 -10.01 -23.71
C LEU C 15 -26.62 -9.58 -22.79
N GLY C 16 -26.61 -8.38 -22.22
CA GLY C 16 -27.72 -7.94 -21.40
C GLY C 16 -27.51 -7.93 -19.90
N ASP C 17 -26.47 -8.58 -19.42
CA ASP C 17 -26.10 -8.61 -17.99
C ASP C 17 -25.50 -7.26 -17.64
N GLN C 18 -25.34 -7.02 -16.34
CA GLN C 18 -24.65 -5.83 -15.84
C GLN C 18 -23.20 -6.30 -15.75
N ALA C 19 -22.17 -5.48 -15.83
CA ALA C 19 -20.81 -6.00 -15.64
C ALA C 19 -20.10 -5.06 -14.68
N SER C 20 -19.23 -5.54 -13.82
CA SER C 20 -18.56 -4.71 -12.84
C SER C 20 -17.13 -5.21 -12.55
N ILE C 21 -16.25 -4.29 -12.95
CA ILE C 21 -14.79 -4.42 -12.95
C ILE C 21 -14.18 -3.72 -11.71
N SER C 22 -13.29 -4.26 -10.82
CA SER C 22 -12.56 -3.44 -9.79
C SER C 22 -11.34 -2.72 -10.36
N CYS C 23 -10.82 -1.73 -9.66
CA CYS C 23 -9.60 -1.03 -9.95
C CYS C 23 -9.27 -0.42 -8.59
N ARG C 24 -8.08 -0.68 -8.14
CA ARG C 24 -7.60 -0.36 -6.82
C ARG C 24 -6.18 0.10 -7.10
N SER C 25 -5.74 1.09 -6.35
CA SER C 25 -4.46 1.74 -6.56
C SER C 25 -3.57 1.54 -5.35
N SER C 26 -2.27 1.78 -5.46
CA SER C 26 -1.41 1.58 -4.29
C SER C 26 -1.72 2.65 -3.27
N GLN C 27 -2.08 3.84 -3.74
CA GLN C 27 -2.39 4.96 -2.85
C GLN C 27 -3.41 5.86 -3.52
N SER C 28 -3.96 6.67 -2.63
CA SER C 28 -4.99 7.66 -2.92
C SER C 28 -4.62 8.42 -4.18
N LEU C 29 -5.66 8.56 -4.99
CA LEU C 29 -5.60 9.33 -6.22
C LEU C 29 -6.31 10.67 -6.13
N VAL C 30 -6.42 11.17 -4.89
CA VAL C 30 -6.97 12.48 -4.49
C VAL C 30 -5.80 13.48 -4.55
N HIS C 31 -5.75 14.24 -5.62
CA HIS C 31 -4.74 15.26 -5.84
C HIS C 31 -4.86 16.48 -4.91
N SER C 32 -3.78 17.18 -4.58
CA SER C 32 -3.79 18.41 -3.79
C SER C 32 -4.83 19.49 -4.20
N ASN C 33 -5.03 19.54 -5.52
CA ASN C 33 -5.93 20.49 -6.14
C ASN C 33 -7.38 20.10 -5.90
N GLY C 34 -7.57 18.95 -5.25
CA GLY C 34 -8.86 18.41 -4.91
C GLY C 34 -9.41 17.30 -5.79
N ASN C 35 -8.98 17.20 -7.03
CA ASN C 35 -9.55 16.16 -7.91
C ASN C 35 -8.95 14.79 -7.75
N THR C 36 -9.61 13.72 -8.25
CA THR C 36 -9.13 12.31 -8.38
C THR C 36 -9.03 11.87 -9.86
N TYR C 37 -7.83 11.93 -10.45
CA TYR C 37 -7.56 11.58 -11.87
C TYR C 37 -7.35 10.08 -12.04
N LEU C 38 -8.44 9.52 -12.54
CA LEU C 38 -8.64 8.10 -12.82
C LEU C 38 -9.61 7.99 -14.02
N ASN C 39 -9.16 7.30 -15.05
CA ASN C 39 -9.86 7.23 -16.33
C ASN C 39 -9.98 5.76 -16.69
N TRP C 40 -11.12 5.39 -17.29
CA TRP C 40 -11.41 4.03 -17.75
C TRP C 40 -11.49 4.05 -19.24
N TYR C 41 -10.79 3.15 -19.92
CA TYR C 41 -10.73 3.00 -21.36
C TYR C 41 -11.25 1.63 -21.70
N LEU C 42 -11.84 1.52 -22.87
CA LEU C 42 -12.26 0.25 -23.42
C LEU C 42 -11.50 0.15 -24.74
N GLN C 43 -11.05 -1.02 -25.14
CA GLN C 43 -10.37 -1.21 -26.41
C GLN C 43 -10.97 -2.47 -27.04
N LYS C 44 -11.64 -2.16 -28.13
CA LYS C 44 -12.25 -3.20 -28.95
C LYS C 44 -11.11 -3.75 -29.76
N ALA C 45 -11.17 -5.07 -29.93
CA ALA C 45 -10.20 -5.82 -30.70
C ALA C 45 -10.25 -5.28 -32.11
N GLY C 46 -9.10 -4.73 -32.46
CA GLY C 46 -8.90 -4.19 -33.79
C GLY C 46 -8.59 -2.72 -33.78
N GLN C 47 -8.97 -2.07 -32.69
CA GLN C 47 -8.84 -0.64 -32.57
C GLN C 47 -7.97 -0.26 -31.40
N SER C 48 -7.68 1.04 -31.42
CA SER C 48 -6.99 1.77 -30.38
C SER C 48 -7.92 1.83 -29.16
N PRO C 49 -7.43 2.07 -27.91
CA PRO C 49 -8.33 2.35 -26.79
C PRO C 49 -9.24 3.56 -27.09
N LYS C 50 -10.36 3.50 -26.41
CA LYS C 50 -11.48 4.42 -26.48
C LYS C 50 -11.58 4.91 -25.03
N LEU C 51 -11.63 6.23 -24.82
CA LEU C 51 -11.82 6.82 -23.51
C LEU C 51 -13.29 6.63 -23.15
N LEU C 52 -13.60 6.18 -21.96
CA LEU C 52 -14.99 6.10 -21.56
C LEU C 52 -15.28 7.15 -20.48
N ILE C 53 -14.67 7.08 -19.30
CA ILE C 53 -14.97 7.90 -18.13
C ILE C 53 -13.71 8.61 -17.67
N TYR C 54 -13.71 9.91 -17.41
CA TYR C 54 -12.55 10.56 -16.81
C TYR C 54 -12.86 10.90 -15.34
N LYS C 55 -11.90 11.32 -14.53
CA LYS C 55 -12.14 11.76 -13.15
C LYS C 55 -13.26 11.03 -12.37
N VAL C 56 -12.99 9.72 -12.39
CA VAL C 56 -13.74 8.58 -11.90
C VAL C 56 -15.22 8.57 -12.21
N SER C 57 -16.01 9.62 -12.20
CA SER C 57 -17.45 9.55 -12.48
C SER C 57 -17.92 10.33 -13.70
N ASN C 58 -17.04 10.94 -14.49
CA ASN C 58 -17.46 11.75 -15.60
C ASN C 58 -17.45 11.08 -16.96
N ARG C 59 -18.57 10.50 -17.32
CA ARG C 59 -18.83 9.81 -18.59
C ARG C 59 -18.60 10.80 -19.73
N PHE C 60 -17.89 10.36 -20.76
CA PHE C 60 -17.54 11.18 -21.89
C PHE C 60 -18.67 11.17 -22.94
N SER C 61 -18.65 12.23 -23.73
CA SER C 61 -19.60 12.49 -24.79
C SER C 61 -19.69 11.26 -25.70
N GLY C 62 -20.84 10.63 -25.62
CA GLY C 62 -21.19 9.57 -26.55
C GLY C 62 -21.19 8.20 -25.92
N VAL C 63 -20.51 8.11 -24.78
CA VAL C 63 -20.45 6.85 -24.05
C VAL C 63 -21.89 6.64 -23.59
N PRO C 64 -22.51 5.49 -23.85
CA PRO C 64 -23.88 5.26 -23.46
C PRO C 64 -23.88 5.21 -21.96
N ASP C 65 -24.93 5.80 -21.40
CA ASP C 65 -25.13 5.92 -19.96
C ASP C 65 -25.38 4.61 -19.25
N ARG C 66 -25.30 3.51 -19.98
CA ARG C 66 -25.27 2.20 -19.34
C ARG C 66 -23.93 2.14 -18.57
N PHE C 67 -22.88 2.84 -19.01
CA PHE C 67 -21.59 2.98 -18.32
C PHE C 67 -21.64 4.03 -17.21
N SER C 68 -21.43 3.61 -15.99
CA SER C 68 -21.50 4.44 -14.80
C SER C 68 -20.36 4.06 -13.83
N GLY C 69 -19.36 4.88 -13.48
CA GLY C 69 -18.31 4.41 -12.58
C GLY C 69 -18.21 5.16 -11.27
N SER C 70 -17.83 4.50 -10.19
CA SER C 70 -17.70 5.13 -8.88
C SER C 70 -16.48 4.73 -8.05
N GLY C 71 -16.45 5.23 -6.81
CA GLY C 71 -15.46 4.80 -5.82
C GLY C 71 -14.50 5.89 -5.42
N SER C 72 -13.57 5.66 -4.48
CA SER C 72 -12.64 6.70 -4.08
C SER C 72 -11.40 6.21 -3.34
N GLY C 73 -10.38 7.05 -3.41
CA GLY C 73 -9.17 6.87 -2.66
C GLY C 73 -8.30 6.02 -3.49
N THR C 74 -8.47 4.75 -3.17
CA THR C 74 -7.81 3.60 -3.76
C THR C 74 -8.84 2.63 -4.39
N ASP C 75 -10.15 2.73 -4.14
CA ASP C 75 -11.14 1.71 -4.49
C ASP C 75 -12.15 2.16 -5.55
N PHE C 76 -12.17 1.59 -6.76
CA PHE C 76 -13.00 2.03 -7.90
C PHE C 76 -13.63 0.86 -8.64
N THR C 77 -14.83 1.00 -9.17
CA THR C 77 -15.58 -0.04 -9.90
C THR C 77 -16.12 0.58 -11.18
N LEU C 78 -16.01 -0.09 -12.32
CA LEU C 78 -16.66 0.40 -13.53
C LEU C 78 -17.96 -0.40 -13.57
N LYS C 79 -19.15 0.18 -13.68
CA LYS C 79 -20.39 -0.58 -13.85
C LYS C 79 -20.82 -0.34 -15.30
N ILE C 80 -21.60 -1.28 -15.80
CA ILE C 80 -22.28 -1.22 -17.08
C ILE C 80 -23.60 -1.83 -16.61
N SER C 81 -24.75 -1.37 -17.09
CA SER C 81 -26.04 -1.87 -16.65
C SER C 81 -26.59 -2.97 -17.54
N ARG C 82 -26.49 -2.86 -18.85
CA ARG C 82 -26.86 -3.94 -19.75
C ARG C 82 -25.63 -3.88 -20.63
N VAL C 83 -24.88 -4.98 -20.74
CA VAL C 83 -23.70 -5.13 -21.58
C VAL C 83 -24.24 -5.48 -22.97
N GLU C 84 -23.56 -5.13 -24.06
CA GLU C 84 -24.02 -5.39 -25.42
C GLU C 84 -22.80 -5.63 -26.31
N ALA C 85 -22.93 -6.19 -27.51
CA ALA C 85 -21.83 -6.51 -28.42
C ALA C 85 -20.83 -5.41 -28.82
N GLU C 86 -21.06 -4.16 -28.46
CA GLU C 86 -20.11 -3.08 -28.73
C GLU C 86 -19.06 -2.93 -27.60
N ASP C 87 -19.37 -3.55 -26.46
CA ASP C 87 -18.60 -3.40 -25.25
C ASP C 87 -17.80 -4.67 -25.01
N LEU C 88 -17.43 -5.37 -26.07
CA LEU C 88 -16.62 -6.58 -25.95
C LEU C 88 -15.23 -6.08 -26.30
N GLY C 89 -14.40 -6.16 -25.28
CA GLY C 89 -13.05 -5.67 -25.39
C GLY C 89 -12.35 -5.79 -24.07
N ILE C 90 -11.31 -5.01 -23.99
CA ILE C 90 -10.46 -4.98 -22.81
C ILE C 90 -10.81 -3.66 -22.20
N TYR C 91 -10.91 -3.61 -20.89
CA TYR C 91 -11.06 -2.31 -20.22
C TYR C 91 -9.82 -2.09 -19.38
N PHE C 92 -9.41 -0.85 -19.19
CA PHE C 92 -8.27 -0.51 -18.34
C PHE C 92 -8.57 0.74 -17.53
N CYS C 93 -8.33 0.77 -16.23
CA CYS C 93 -8.33 2.08 -15.56
C CYS C 93 -6.91 2.64 -15.66
N SER C 94 -6.69 3.92 -15.53
CA SER C 94 -5.36 4.50 -15.62
C SER C 94 -5.40 5.63 -14.60
N GLN C 95 -4.31 5.88 -13.87
CA GLN C 95 -4.32 6.98 -12.92
C GLN C 95 -3.34 8.06 -13.40
N THR C 96 -3.81 9.29 -13.36
CA THR C 96 -3.06 10.46 -13.80
C THR C 96 -2.81 11.55 -12.74
N THR C 97 -3.32 11.29 -11.55
CA THR C 97 -3.18 12.11 -10.36
C THR C 97 -1.69 12.21 -10.03
N HIS C 98 -0.99 11.11 -10.30
CA HIS C 98 0.41 11.07 -9.96
C HIS C 98 1.27 11.06 -11.22
N VAL C 99 2.58 11.00 -10.92
CA VAL C 99 3.69 10.91 -11.86
C VAL C 99 4.34 9.52 -11.59
N PRO C 100 4.43 8.69 -12.64
CA PRO C 100 3.87 8.95 -13.96
C PRO C 100 2.48 8.34 -14.04
N PRO C 101 1.77 8.51 -15.17
CA PRO C 101 0.51 7.83 -15.46
C PRO C 101 0.80 6.35 -15.68
N THR C 102 0.19 5.53 -14.84
CA THR C 102 0.29 4.09 -14.89
C THR C 102 -1.13 3.58 -15.23
N PHE C 103 -1.20 2.30 -15.62
CA PHE C 103 -2.37 1.66 -16.17
C PHE C 103 -2.72 0.40 -15.40
N GLY C 104 -3.90 -0.17 -15.57
CA GLY C 104 -4.21 -1.46 -14.97
C GLY C 104 -3.84 -2.63 -15.90
N GLY C 105 -3.83 -3.82 -15.33
CA GLY C 105 -3.55 -5.05 -16.06
C GLY C 105 -4.42 -5.30 -17.28
N GLY C 106 -5.74 -5.46 -17.09
CA GLY C 106 -6.69 -5.56 -18.18
C GLY C 106 -7.89 -6.42 -17.80
N THR C 107 -9.10 -6.17 -18.32
CA THR C 107 -10.22 -7.08 -18.07
C THR C 107 -10.90 -7.24 -19.41
N LYS C 108 -11.00 -8.48 -19.84
CA LYS C 108 -11.61 -8.81 -21.12
C LYS C 108 -13.02 -9.22 -20.75
N LEU C 109 -13.94 -8.60 -21.46
CA LEU C 109 -15.36 -8.94 -21.39
C LEU C 109 -15.45 -9.95 -22.50
N GLU C 110 -16.04 -11.04 -22.06
CA GLU C 110 -16.02 -12.25 -22.82
C GLU C 110 -17.46 -12.76 -22.78
N ILE C 111 -18.01 -13.28 -23.87
CA ILE C 111 -19.33 -13.83 -23.80
C ILE C 111 -19.30 -15.26 -23.34
N LYS C 112 -20.05 -15.40 -22.26
CA LYS C 112 -20.29 -16.65 -21.56
C LYS C 112 -21.01 -17.68 -22.47
N ARG C 113 -20.72 -18.96 -22.30
CA ARG C 113 -21.36 -20.09 -23.00
C ARG C 113 -20.97 -21.43 -22.32
N ALA C 114 -21.49 -22.55 -22.79
CA ALA C 114 -21.21 -23.88 -22.21
C ALA C 114 -19.74 -24.26 -22.12
N ASP C 115 -19.41 -25.01 -21.08
CA ASP C 115 -18.07 -25.47 -20.79
C ASP C 115 -17.77 -26.65 -21.75
N ALA C 116 -17.27 -26.37 -22.95
CA ALA C 116 -17.06 -27.35 -24.02
C ALA C 116 -15.68 -27.99 -24.11
N ALA C 117 -15.69 -29.31 -24.32
CA ALA C 117 -14.49 -30.14 -24.47
C ALA C 117 -13.81 -29.94 -25.83
N PRO C 118 -12.48 -29.91 -25.94
CA PRO C 118 -11.76 -29.77 -27.21
C PRO C 118 -11.60 -31.10 -27.95
N THR C 119 -11.27 -30.95 -29.23
CA THR C 119 -10.96 -32.04 -30.13
C THR C 119 -9.44 -31.99 -30.24
N VAL C 120 -8.69 -33.08 -30.02
CA VAL C 120 -7.24 -33.06 -30.20
C VAL C 120 -6.90 -33.75 -31.54
N SER C 121 -5.94 -33.25 -32.31
CA SER C 121 -5.48 -33.85 -33.58
C SER C 121 -3.96 -33.69 -33.65
N ILE C 122 -3.27 -34.78 -33.93
CA ILE C 122 -1.82 -34.82 -33.96
C ILE C 122 -1.49 -35.19 -35.40
N PHE C 123 -0.51 -34.41 -35.87
CA PHE C 123 0.03 -34.44 -37.22
C PHE C 123 1.53 -34.67 -37.13
N PRO C 124 2.09 -35.75 -37.70
CA PRO C 124 3.54 -36.03 -37.76
C PRO C 124 4.21 -35.04 -38.69
N PRO C 125 5.54 -34.96 -38.74
CA PRO C 125 6.25 -34.14 -39.74
C PRO C 125 5.90 -34.51 -41.17
N SER C 126 5.70 -33.54 -42.04
CA SER C 126 5.48 -33.87 -43.44
C SER C 126 6.80 -34.23 -44.09
N SER C 127 6.69 -35.16 -45.03
CA SER C 127 7.75 -35.71 -45.88
C SER C 127 8.63 -34.60 -46.40
N GLU C 128 7.98 -33.59 -46.99
CA GLU C 128 8.67 -32.46 -47.61
C GLU C 128 9.63 -31.85 -46.58
N GLN C 129 9.19 -31.82 -45.31
CA GLN C 129 9.95 -31.20 -44.23
C GLN C 129 11.11 -32.05 -43.80
N LEU C 130 10.89 -33.34 -43.64
CA LEU C 130 11.98 -34.23 -43.25
C LEU C 130 13.06 -34.29 -44.33
N THR C 131 12.84 -33.69 -45.50
CA THR C 131 13.89 -33.49 -46.50
C THR C 131 14.64 -32.20 -46.13
N SER C 132 14.06 -31.21 -45.45
CA SER C 132 14.79 -30.00 -45.04
C SER C 132 15.80 -30.27 -43.93
N GLY C 133 15.57 -31.36 -43.21
CA GLY C 133 16.40 -31.65 -42.07
C GLY C 133 15.73 -31.17 -40.80
N GLY C 134 14.40 -31.09 -40.82
CA GLY C 134 13.65 -30.64 -39.65
C GLY C 134 12.42 -31.49 -39.47
N ALA C 135 11.86 -31.49 -38.28
CA ALA C 135 10.65 -32.24 -37.99
C ALA C 135 9.80 -31.35 -37.10
N SER C 136 8.52 -31.13 -37.36
CA SER C 136 7.70 -30.42 -36.41
C SER C 136 6.48 -31.32 -36.21
N VAL C 137 6.11 -31.61 -34.97
CA VAL C 137 4.91 -32.40 -34.69
C VAL C 137 3.95 -31.33 -34.14
N VAL C 138 2.76 -31.26 -34.73
CA VAL C 138 1.76 -30.22 -34.44
C VAL C 138 0.49 -30.84 -33.88
N CYS C 139 -0.06 -30.28 -32.81
CA CYS C 139 -1.26 -30.79 -32.14
C CYS C 139 -2.26 -29.64 -32.18
N PHE C 140 -3.50 -29.89 -32.58
CA PHE C 140 -4.59 -28.92 -32.64
C PHE C 140 -5.64 -29.29 -31.60
N LEU C 141 -5.85 -28.39 -30.65
CA LEU C 141 -6.89 -28.52 -29.64
C LEU C 141 -7.85 -27.53 -30.24
N ASN C 142 -9.05 -27.97 -30.56
CA ASN C 142 -10.01 -27.10 -31.21
C ASN C 142 -11.40 -27.12 -30.59
N ASN C 143 -12.03 -25.95 -30.78
CA ASN C 143 -13.36 -25.54 -30.29
C ASN C 143 -13.70 -25.84 -28.83
N PHE C 144 -12.82 -25.46 -27.92
CA PHE C 144 -13.11 -25.61 -26.49
C PHE C 144 -13.57 -24.30 -25.85
N TYR C 145 -14.16 -24.48 -24.69
CA TYR C 145 -14.54 -23.36 -23.86
C TYR C 145 -14.51 -23.98 -22.44
N PRO C 146 -13.90 -23.50 -21.36
CA PRO C 146 -13.02 -22.29 -21.25
C PRO C 146 -11.63 -22.35 -21.88
N LYS C 147 -10.96 -21.19 -21.91
CA LYS C 147 -9.62 -20.98 -22.47
C LYS C 147 -8.52 -21.58 -21.63
N ASP C 148 -8.93 -22.07 -20.45
CA ASP C 148 -8.16 -22.77 -19.42
C ASP C 148 -7.77 -24.14 -19.98
N ILE C 149 -6.61 -24.24 -20.63
CA ILE C 149 -6.18 -25.49 -21.21
C ILE C 149 -4.68 -25.65 -21.00
N ASN C 150 -4.34 -26.84 -20.54
CA ASN C 150 -2.98 -27.22 -20.20
C ASN C 150 -2.58 -28.23 -21.26
N VAL C 151 -1.44 -28.05 -21.92
CA VAL C 151 -0.98 -28.89 -23.02
C VAL C 151 0.43 -29.42 -22.76
N LYS C 152 0.71 -30.73 -22.71
CA LYS C 152 2.06 -31.22 -22.46
C LYS C 152 2.56 -32.23 -23.52
N TRP C 153 3.84 -32.13 -23.91
CA TRP C 153 4.49 -33.05 -24.86
C TRP C 153 5.25 -34.15 -24.13
N LYS C 154 4.98 -35.37 -24.54
CA LYS C 154 5.71 -36.51 -24.03
C LYS C 154 6.38 -37.22 -25.20
N ILE C 155 7.71 -37.15 -25.22
CA ILE C 155 8.56 -37.84 -26.19
C ILE C 155 8.97 -39.15 -25.52
N ASP C 156 8.52 -40.25 -26.13
CA ASP C 156 8.79 -41.60 -25.66
C ASP C 156 8.31 -41.73 -24.22
N GLY C 157 7.08 -41.29 -24.01
CA GLY C 157 6.46 -41.39 -22.69
C GLY C 157 7.12 -40.55 -21.60
N SER C 158 8.15 -39.75 -21.91
CA SER C 158 8.82 -38.83 -21.00
C SER C 158 8.63 -37.39 -21.49
N GLU C 159 9.00 -36.32 -20.77
CA GLU C 159 8.65 -34.95 -21.15
C GLU C 159 9.83 -34.04 -21.55
N ARG C 160 9.60 -33.06 -22.42
CA ARG C 160 10.59 -32.08 -22.90
C ARG C 160 9.82 -30.76 -22.97
N GLN C 161 10.39 -29.65 -22.49
CA GLN C 161 9.73 -28.32 -22.47
C GLN C 161 10.23 -27.31 -23.53
N ASN C 162 11.38 -27.53 -24.15
CA ASN C 162 11.92 -26.49 -25.01
C ASN C 162 11.64 -26.83 -26.45
N GLY C 163 11.30 -25.80 -27.20
CA GLY C 163 11.00 -25.93 -28.60
C GLY C 163 9.53 -26.06 -28.88
N VAL C 164 8.71 -25.96 -27.84
CA VAL C 164 7.25 -26.03 -27.90
C VAL C 164 6.77 -24.66 -28.40
N LEU C 165 5.65 -24.51 -29.12
CA LEU C 165 5.13 -23.22 -29.59
C LEU C 165 3.60 -23.21 -29.47
N ASN C 166 3.04 -22.15 -28.93
CA ASN C 166 1.61 -22.10 -28.69
C ASN C 166 1.00 -20.96 -29.45
N SER C 167 -0.30 -20.99 -29.67
CA SER C 167 -1.01 -19.93 -30.36
C SER C 167 -2.44 -20.22 -30.00
N TRP C 168 -3.16 -19.14 -29.77
CA TRP C 168 -4.56 -19.17 -29.37
C TRP C 168 -5.29 -18.30 -30.32
N THR C 169 -6.54 -18.65 -30.54
CA THR C 169 -7.43 -17.79 -31.32
C THR C 169 -8.28 -17.09 -30.22
N ASP C 170 -8.86 -15.92 -30.53
CA ASP C 170 -9.78 -15.26 -29.61
C ASP C 170 -11.13 -16.00 -29.71
N GLN C 171 -12.24 -15.49 -29.19
CA GLN C 171 -13.51 -16.21 -29.30
C GLN C 171 -14.00 -16.32 -30.74
N ASP C 172 -14.55 -17.49 -31.01
CA ASP C 172 -15.05 -17.77 -32.34
C ASP C 172 -16.33 -16.97 -32.51
N SER C 173 -16.28 -15.98 -33.39
CA SER C 173 -17.42 -15.13 -33.78
C SER C 173 -18.40 -15.99 -34.60
N LYS C 174 -18.92 -17.03 -33.96
CA LYS C 174 -19.85 -17.99 -34.52
C LYS C 174 -20.31 -18.81 -33.32
N ASP C 175 -19.41 -19.55 -32.66
CA ASP C 175 -19.78 -20.39 -31.51
C ASP C 175 -19.03 -20.20 -30.21
N SER C 176 -18.33 -19.07 -30.14
CA SER C 176 -17.51 -18.62 -29.03
C SER C 176 -16.51 -19.53 -28.27
N THR C 177 -15.91 -20.44 -29.01
CA THR C 177 -14.90 -21.36 -28.49
C THR C 177 -13.52 -21.04 -29.03
N TYR C 178 -12.54 -21.27 -28.18
CA TYR C 178 -11.14 -21.01 -28.49
C TYR C 178 -10.50 -22.21 -29.17
N SER C 179 -9.45 -21.97 -29.93
CA SER C 179 -8.71 -23.02 -30.61
C SER C 179 -7.22 -22.73 -30.38
N MET C 180 -6.36 -23.74 -30.52
CA MET C 180 -4.98 -23.69 -30.08
C MET C 180 -4.02 -24.58 -30.88
N SER C 181 -2.82 -24.14 -31.29
CA SER C 181 -1.87 -25.11 -31.84
C SER C 181 -0.62 -25.16 -30.97
N SER C 182 -0.32 -26.31 -30.38
CA SER C 182 0.95 -26.50 -29.71
C SER C 182 1.78 -27.22 -30.81
N THR C 183 3.05 -26.89 -30.92
CA THR C 183 3.98 -27.47 -31.88
C THR C 183 5.26 -27.88 -31.14
N LEU C 184 5.99 -28.90 -31.60
CA LEU C 184 7.31 -29.20 -31.08
C LEU C 184 8.21 -29.33 -32.30
N THR C 185 9.29 -28.55 -32.43
CA THR C 185 10.13 -28.68 -33.62
C THR C 185 11.53 -29.14 -33.26
N LEU C 186 11.61 -30.38 -33.69
CA LEU C 186 12.75 -31.23 -33.57
C LEU C 186 13.53 -31.03 -34.86
N THR C 187 14.78 -31.46 -34.82
CA THR C 187 15.60 -31.66 -36.03
C THR C 187 15.18 -33.03 -36.64
N LYS C 188 15.63 -33.44 -37.82
CA LYS C 188 15.29 -34.77 -38.34
C LYS C 188 15.93 -35.86 -37.45
N ASP C 189 17.23 -35.78 -37.33
CA ASP C 189 18.05 -36.70 -36.54
C ASP C 189 17.42 -37.12 -35.20
N GLU C 190 16.88 -36.12 -34.51
CA GLU C 190 16.39 -36.27 -33.16
C GLU C 190 15.03 -36.90 -33.12
N TYR C 191 14.33 -36.77 -34.24
CA TYR C 191 13.01 -37.41 -34.42
C TYR C 191 13.31 -38.89 -34.74
N GLU C 192 14.28 -39.15 -35.63
CA GLU C 192 14.67 -40.51 -36.06
C GLU C 192 15.08 -41.39 -34.90
N ARG C 193 15.59 -40.65 -33.94
CA ARG C 193 16.07 -41.16 -32.69
C ARG C 193 14.92 -41.45 -31.74
N HIS C 194 13.64 -41.26 -32.03
CA HIS C 194 12.59 -41.45 -31.05
C HIS C 194 11.34 -41.93 -31.69
N ASN C 195 10.73 -42.85 -30.95
CA ASN C 195 9.50 -43.48 -31.42
C ASN C 195 8.15 -42.99 -30.88
N SER C 196 7.69 -42.78 -29.63
CA SER C 196 6.29 -42.32 -29.48
C SER C 196 6.29 -40.81 -29.27
N TYR C 197 5.23 -40.17 -29.72
CA TYR C 197 5.09 -38.75 -29.59
C TYR C 197 3.67 -38.54 -29.11
N THR C 198 3.54 -37.86 -27.97
CA THR C 198 2.25 -37.54 -27.31
C THR C 198 2.09 -36.04 -26.99
N CYS C 199 0.85 -35.64 -27.04
CA CYS C 199 0.36 -34.31 -26.72
C CYS C 199 -0.87 -34.61 -25.85
N GLU C 200 -0.94 -33.99 -24.69
CA GLU C 200 -2.06 -34.17 -23.76
C GLU C 200 -2.55 -32.86 -23.12
N ALA C 201 -3.84 -32.72 -23.25
CA ALA C 201 -4.56 -31.58 -22.75
C ALA C 201 -5.40 -31.91 -21.51
N THR C 202 -5.17 -31.15 -20.45
CA THR C 202 -6.06 -31.20 -19.30
C THR C 202 -6.81 -29.85 -19.34
N HIS C 203 -8.13 -29.95 -19.28
CA HIS C 203 -8.99 -28.80 -19.46
C HIS C 203 -10.13 -28.98 -18.47
N LYS C 204 -10.63 -27.87 -17.92
CA LYS C 204 -11.82 -27.86 -17.05
C LYS C 204 -13.01 -28.32 -17.90
N THR C 205 -13.16 -29.66 -17.95
CA THR C 205 -14.21 -30.45 -18.58
C THR C 205 -13.60 -31.85 -18.50
N SER C 206 -12.62 -32.08 -19.38
CA SER C 206 -11.89 -33.32 -19.59
C SER C 206 -11.06 -33.72 -18.36
N THR C 207 -11.75 -34.53 -17.57
CA THR C 207 -11.30 -35.13 -16.31
C THR C 207 -9.95 -35.81 -16.39
N SER C 208 -9.86 -36.63 -17.42
CA SER C 208 -8.68 -37.41 -17.72
C SER C 208 -8.08 -36.65 -18.90
N PRO C 209 -6.78 -36.29 -18.87
CA PRO C 209 -6.02 -35.76 -20.02
C PRO C 209 -6.46 -36.37 -21.33
N ILE C 210 -6.80 -35.54 -22.31
CA ILE C 210 -7.12 -36.04 -23.63
C ILE C 210 -5.73 -36.04 -24.26
N VAL C 211 -5.22 -37.26 -24.06
CA VAL C 211 -3.93 -37.81 -24.49
C VAL C 211 -4.05 -38.17 -25.95
N LYS C 212 -3.26 -37.63 -26.86
CA LYS C 212 -3.28 -38.15 -28.22
C LYS C 212 -1.83 -38.21 -28.61
N SER C 213 -1.55 -39.21 -29.43
CA SER C 213 -0.20 -39.57 -29.82
C SER C 213 -0.24 -40.34 -31.13
N PHE C 214 0.92 -40.84 -31.49
CA PHE C 214 1.14 -41.76 -32.59
C PHE C 214 2.56 -42.29 -32.26
N ASN C 215 3.07 -43.25 -33.01
CA ASN C 215 4.43 -43.77 -32.87
C ASN C 215 4.98 -43.47 -34.26
N ARG C 216 6.23 -43.01 -34.24
CA ARG C 216 7.01 -42.61 -35.40
C ARG C 216 7.16 -43.82 -36.29
N VAL D 2 -10.35 16.62 -36.13
CA VAL D 2 -9.16 17.03 -35.36
C VAL D 2 -8.98 15.64 -34.78
N GLN D 3 -7.96 15.02 -35.33
CA GLN D 3 -7.59 13.64 -35.07
C GLN D 3 -6.08 13.63 -35.27
N LEU D 4 -5.43 12.55 -34.85
CA LEU D 4 -4.00 12.46 -34.97
C LEU D 4 -3.75 11.39 -36.03
N GLN D 5 -2.79 11.73 -36.87
CA GLN D 5 -2.33 10.90 -37.97
C GLN D 5 -1.08 10.25 -37.39
N GLN D 6 -0.92 8.94 -37.51
CA GLN D 6 0.24 8.21 -36.95
C GLN D 6 1.12 7.58 -38.04
N SER D 7 2.39 7.40 -37.65
CA SER D 7 3.50 6.85 -38.45
C SER D 7 3.32 5.44 -39.00
N GLY D 8 4.16 5.11 -40.00
CA GLY D 8 4.13 3.77 -40.57
C GLY D 8 4.49 2.75 -39.50
N PRO D 9 4.11 1.46 -39.59
CA PRO D 9 4.85 0.39 -38.89
C PRO D 9 6.25 0.26 -39.51
N GLU D 10 7.27 0.01 -38.68
CA GLU D 10 8.64 -0.03 -39.16
C GLU D 10 9.43 -1.13 -38.49
N LEU D 11 10.08 -1.95 -39.30
CA LEU D 11 10.84 -3.13 -38.86
C LEU D 11 12.28 -2.70 -38.66
N VAL D 12 12.99 -2.97 -37.57
CA VAL D 12 14.37 -2.52 -37.38
C VAL D 12 15.36 -3.62 -36.99
N LYS D 13 16.65 -3.53 -37.35
CA LYS D 13 17.69 -4.53 -36.98
C LYS D 13 18.21 -4.14 -35.62
N PRO D 14 18.45 -5.00 -34.61
CA PRO D 14 18.98 -4.64 -33.29
C PRO D 14 20.13 -3.67 -33.31
N GLY D 15 19.98 -2.70 -32.41
CA GLY D 15 20.93 -1.61 -32.29
C GLY D 15 20.44 -0.33 -32.94
N ALA D 16 19.42 -0.39 -33.79
CA ALA D 16 18.91 0.81 -34.42
C ALA D 16 18.23 1.80 -33.45
N SER D 17 18.00 2.91 -34.12
CA SER D 17 17.38 4.11 -33.62
C SER D 17 16.28 4.41 -34.65
N VAL D 18 15.02 4.14 -34.32
CA VAL D 18 13.93 4.48 -35.21
C VAL D 18 13.34 5.79 -34.71
N ARG D 19 12.61 6.56 -35.52
CA ARG D 19 12.07 7.85 -35.13
C ARG D 19 10.65 7.95 -35.64
N MET D 20 9.65 7.99 -34.78
CA MET D 20 8.28 7.90 -35.21
C MET D 20 7.60 9.26 -35.31
N SER D 21 6.38 9.31 -35.81
CA SER D 21 5.74 10.58 -36.15
C SER D 21 4.27 10.66 -35.73
N CYS D 22 3.79 11.89 -35.53
CA CYS D 22 2.40 12.11 -35.18
C CYS D 22 2.00 13.44 -35.83
N LYS D 23 1.02 13.58 -36.71
CA LYS D 23 0.68 14.91 -37.26
C LYS D 23 -0.73 15.09 -36.71
N SER D 24 -0.87 16.06 -35.83
CA SER D 24 -2.08 16.45 -35.13
C SER D 24 -3.06 17.30 -35.95
N SER D 25 -3.79 16.64 -36.85
CA SER D 25 -4.70 17.26 -37.80
C SER D 25 -5.60 18.35 -37.24
N GLY D 26 -5.03 19.53 -37.52
CA GLY D 26 -5.64 20.80 -37.23
C GLY D 26 -5.81 21.15 -35.77
N TYR D 27 -5.02 20.65 -34.80
CA TYR D 27 -5.15 21.11 -33.40
C TYR D 27 -4.55 22.50 -33.41
N ILE D 28 -5.41 23.49 -33.60
CA ILE D 28 -5.08 24.92 -33.69
C ILE D 28 -4.57 25.45 -32.33
N PHE D 29 -4.16 26.73 -32.11
CA PHE D 29 -3.67 27.35 -30.84
C PHE D 29 -3.73 26.62 -29.49
N THR D 30 -4.86 25.93 -29.34
CA THR D 30 -5.27 25.07 -28.24
C THR D 30 -4.10 24.33 -27.61
N ASP D 31 -3.93 24.67 -26.35
CA ASP D 31 -2.88 24.09 -25.52
C ASP D 31 -3.39 22.76 -24.96
N PHE D 32 -3.07 21.90 -25.91
CA PHE D 32 -3.26 20.47 -25.95
C PHE D 32 -1.84 19.87 -25.95
N TYR D 33 -1.75 18.74 -25.27
CA TYR D 33 -0.52 17.98 -25.06
C TYR D 33 -0.60 16.74 -25.91
N MET D 34 0.51 16.25 -26.46
CA MET D 34 0.52 15.02 -27.25
C MET D 34 1.18 13.96 -26.38
N ASN D 35 0.73 12.72 -26.52
CA ASN D 35 1.11 11.64 -25.62
C ASN D 35 1.43 10.38 -26.41
N TRP D 36 2.44 9.65 -25.98
CA TRP D 36 2.80 8.40 -26.63
C TRP D 36 2.72 7.27 -25.60
N VAL D 37 2.02 6.21 -25.97
CA VAL D 37 1.85 5.08 -25.09
C VAL D 37 2.38 3.87 -25.86
N ARG D 38 2.88 2.86 -25.14
CA ARG D 38 3.50 1.65 -25.68
C ARG D 38 2.58 0.50 -25.31
N GLN D 39 2.28 -0.45 -26.21
CA GLN D 39 1.55 -1.63 -25.79
C GLN D 39 2.36 -2.90 -26.04
N SER D 40 2.57 -3.60 -24.92
CA SER D 40 3.25 -4.89 -24.90
C SER D 40 2.26 -6.05 -25.04
N HIS D 41 2.34 -6.55 -26.27
CA HIS D 41 1.84 -7.88 -26.72
C HIS D 41 0.59 -8.47 -26.06
N GLY D 42 -0.46 -8.09 -26.74
CA GLY D 42 -1.77 -8.48 -26.32
C GLY D 42 -2.28 -7.54 -25.25
N LYS D 43 -1.52 -7.16 -24.21
CA LYS D 43 -2.18 -6.39 -23.18
C LYS D 43 -1.58 -5.13 -22.58
N SER D 44 -0.60 -5.15 -21.68
CA SER D 44 -0.18 -3.97 -20.94
C SER D 44 0.37 -2.76 -21.71
N LEU D 45 -0.07 -1.57 -21.27
CA LEU D 45 0.34 -0.30 -21.87
C LEU D 45 1.23 0.37 -20.87
N ASP D 46 2.20 1.13 -21.32
CA ASP D 46 3.10 1.89 -20.46
C ASP D 46 3.13 3.26 -21.10
N TYR D 47 3.18 4.35 -20.34
CA TYR D 47 3.16 5.70 -20.89
C TYR D 47 4.61 6.08 -21.22
N ILE D 48 4.92 6.46 -22.42
CA ILE D 48 6.27 6.91 -22.72
C ILE D 48 6.38 8.36 -22.26
N GLY D 49 5.43 9.20 -22.66
CA GLY D 49 5.48 10.60 -22.24
C GLY D 49 4.49 11.55 -22.90
N TYR D 50 4.83 12.84 -22.75
CA TYR D 50 4.08 13.94 -23.31
C TYR D 50 4.99 15.09 -23.74
N ILE D 51 4.50 15.79 -24.76
CA ILE D 51 5.11 16.99 -25.27
C ILE D 51 3.99 17.79 -25.94
N SER D 52 3.95 19.09 -25.69
CA SER D 52 2.94 19.95 -26.28
C SER D 52 3.61 20.78 -27.36
N PRO D 53 3.16 20.80 -28.62
CA PRO D 53 3.58 21.81 -29.64
C PRO D 53 3.37 23.27 -29.21
N TYR D 54 2.22 23.48 -28.62
CA TYR D 54 1.78 24.80 -28.21
C TYR D 54 2.38 25.37 -26.93
N SER D 55 3.46 24.77 -26.43
CA SER D 55 4.18 25.21 -25.25
C SER D 55 5.61 24.67 -25.16
N GLY D 56 5.92 23.63 -25.95
CA GLY D 56 7.25 22.99 -25.99
C GLY D 56 7.65 22.40 -24.64
N VAL D 57 6.66 21.94 -23.88
CA VAL D 57 6.91 21.36 -22.55
C VAL D 57 6.80 19.86 -22.80
N THR D 58 7.83 19.18 -22.32
CA THR D 58 8.01 17.76 -22.51
C THR D 58 8.05 17.11 -21.12
N GLY D 59 7.86 15.80 -21.08
CA GLY D 59 7.90 15.02 -19.85
C GLY D 59 7.94 13.55 -20.21
N TYR D 60 8.62 12.75 -19.39
CA TYR D 60 8.88 11.33 -19.65
C TYR D 60 8.47 10.53 -18.47
N ASN D 61 8.06 9.32 -18.83
CA ASN D 61 7.88 8.26 -17.85
C ASN D 61 9.35 8.05 -17.51
N GLN D 62 9.62 7.89 -16.25
CA GLN D 62 10.98 7.80 -15.73
C GLN D 62 11.73 6.59 -16.38
N LYS D 63 11.08 5.42 -16.41
CA LYS D 63 11.68 4.27 -17.03
C LYS D 63 11.72 4.34 -18.57
N PHE D 64 11.56 5.51 -19.18
CA PHE D 64 11.75 5.67 -20.60
C PHE D 64 12.68 6.84 -20.85
N LYS D 65 13.37 7.32 -19.83
CA LYS D 65 14.36 8.37 -20.03
C LYS D 65 15.62 7.69 -20.57
N GLY D 66 16.22 8.29 -21.60
CA GLY D 66 17.43 7.73 -22.19
C GLY D 66 17.16 6.53 -23.11
N LYS D 67 15.90 6.43 -23.50
CA LYS D 67 15.37 5.46 -24.42
C LYS D 67 14.66 6.34 -25.42
N ALA D 68 13.68 7.13 -24.95
CA ALA D 68 12.86 8.00 -25.80
C ALA D 68 13.15 9.51 -25.69
N THR D 69 13.00 10.13 -26.83
CA THR D 69 13.32 11.53 -27.01
C THR D 69 12.09 12.10 -27.69
N LEU D 70 11.39 13.05 -27.07
CA LEU D 70 10.17 13.65 -27.62
C LEU D 70 10.47 15.08 -28.02
N THR D 71 10.14 15.41 -29.27
CA THR D 71 10.24 16.75 -29.85
C THR D 71 9.04 16.92 -30.82
N VAL D 72 8.83 18.12 -31.34
CA VAL D 72 7.65 18.45 -32.15
C VAL D 72 8.01 19.52 -33.19
N ASP D 73 7.17 19.57 -34.22
CA ASP D 73 7.17 20.53 -35.32
C ASP D 73 5.73 21.08 -35.28
N LYS D 74 5.67 22.31 -34.80
CA LYS D 74 4.43 23.02 -34.48
C LYS D 74 3.59 23.46 -35.68
N SER D 75 4.26 23.96 -36.70
CA SER D 75 3.61 24.39 -37.93
C SER D 75 2.85 23.24 -38.58
N SER D 76 3.66 22.19 -38.64
CA SER D 76 3.35 20.91 -39.23
C SER D 76 2.13 20.29 -38.55
N SER D 77 2.31 20.26 -37.21
CA SER D 77 1.52 19.61 -36.15
C SER D 77 2.20 18.24 -35.94
N THR D 78 3.51 18.08 -36.13
CA THR D 78 4.20 16.78 -36.08
C THR D 78 5.19 16.53 -34.93
N ALA D 79 4.81 15.60 -34.07
CA ALA D 79 5.59 15.14 -32.92
C ALA D 79 6.47 13.92 -33.28
N TYR D 80 7.52 13.66 -32.50
CA TYR D 80 8.51 12.60 -32.70
C TYR D 80 8.86 12.06 -31.34
N MET D 81 9.14 10.76 -31.37
CA MET D 81 9.61 9.93 -30.27
C MET D 81 10.67 9.14 -31.04
N GLU D 82 11.92 9.26 -30.63
CA GLU D 82 13.05 8.58 -31.26
C GLU D 82 13.50 7.53 -30.26
N LEU D 83 13.28 6.28 -30.65
CA LEU D 83 13.58 5.13 -29.82
C LEU D 83 14.97 4.67 -30.24
N ARG D 84 15.83 4.36 -29.28
CA ARG D 84 17.19 3.93 -29.53
C ARG D 84 17.61 2.66 -28.84
N SER D 85 18.58 2.02 -29.50
CA SER D 85 19.18 0.75 -29.08
C SER D 85 18.08 -0.21 -28.74
N LEU D 86 17.34 -0.26 -29.84
CA LEU D 86 16.17 -1.08 -29.95
C LEU D 86 16.67 -2.52 -29.93
N THR D 87 16.28 -3.11 -28.81
CA THR D 87 16.45 -4.52 -28.56
C THR D 87 15.08 -5.13 -28.75
N SER D 88 14.97 -6.44 -28.78
CA SER D 88 13.72 -7.15 -28.95
C SER D 88 12.63 -6.68 -27.99
N GLU D 89 13.04 -6.32 -26.78
CA GLU D 89 12.16 -5.86 -25.70
C GLU D 89 11.16 -4.77 -26.11
N ASP D 90 11.63 -3.92 -27.00
CA ASP D 90 10.90 -2.77 -27.51
C ASP D 90 9.99 -3.06 -28.68
N SER D 91 9.73 -4.32 -28.97
CA SER D 91 8.87 -4.66 -30.09
C SER D 91 7.50 -4.54 -29.41
N ALA D 92 6.71 -3.57 -29.80
CA ALA D 92 5.39 -3.33 -29.22
C ALA D 92 4.63 -2.46 -30.21
N VAL D 93 3.35 -2.20 -29.98
CA VAL D 93 2.66 -1.26 -30.86
C VAL D 93 2.62 0.04 -30.07
N TYR D 94 3.05 1.11 -30.72
CA TYR D 94 3.13 2.44 -30.12
C TYR D 94 1.93 3.28 -30.55
N TYR D 95 1.48 4.15 -29.67
CA TYR D 95 0.27 4.94 -29.83
C TYR D 95 0.57 6.40 -29.55
N CYS D 96 -0.08 7.23 -30.31
CA CYS D 96 -0.01 8.67 -30.17
C CYS D 96 -1.42 9.04 -29.71
N ALA D 97 -1.58 9.99 -28.80
CA ALA D 97 -2.87 10.39 -28.23
C ALA D 97 -2.71 11.81 -27.76
N GLY D 98 -3.81 12.51 -27.56
CA GLY D 98 -3.73 13.91 -27.24
C GLY D 98 -4.67 14.22 -26.12
N SER D 99 -4.23 15.21 -25.36
CA SER D 99 -4.99 15.68 -24.22
C SER D 99 -5.41 17.13 -24.31
N SER D 100 -6.71 17.18 -24.15
CA SER D 100 -7.54 18.39 -24.14
C SER D 100 -7.76 18.89 -22.70
N GLY D 101 -7.03 19.89 -22.20
CA GLY D 101 -7.23 20.49 -20.88
C GLY D 101 -7.63 19.60 -19.70
N ASN D 102 -8.34 20.23 -18.79
CA ASN D 102 -8.98 19.72 -17.56
C ASN D 102 -9.05 18.27 -17.10
N LYS D 103 -9.41 17.34 -17.96
CA LYS D 103 -9.64 15.92 -17.64
C LYS D 103 -8.40 15.10 -17.33
N TRP D 104 -7.33 15.46 -18.05
CA TRP D 104 -6.05 14.75 -18.01
C TRP D 104 -6.32 13.26 -18.29
N ALA D 105 -6.86 12.99 -19.46
CA ALA D 105 -7.19 11.67 -19.95
C ALA D 105 -6.96 11.87 -21.43
N MET D 106 -6.42 10.91 -22.14
CA MET D 106 -6.12 11.06 -23.55
C MET D 106 -7.49 10.78 -24.18
N ASP D 107 -8.11 11.75 -24.83
CA ASP D 107 -9.44 11.53 -25.38
C ASP D 107 -9.45 11.09 -26.83
N TYR D 108 -8.34 11.24 -27.54
CA TYR D 108 -8.17 10.80 -28.93
C TYR D 108 -7.01 9.84 -28.92
N TRP D 109 -7.15 8.83 -29.75
CA TRP D 109 -6.14 7.78 -29.89
C TRP D 109 -5.86 7.50 -31.36
N GLY D 110 -4.57 7.59 -31.66
CA GLY D 110 -4.03 7.21 -32.94
C GLY D 110 -4.02 5.69 -32.92
N HIS D 111 -4.08 5.11 -34.12
CA HIS D 111 -4.21 3.66 -34.29
C HIS D 111 -3.12 2.71 -33.80
N GLY D 112 -1.89 3.16 -33.89
CA GLY D 112 -0.75 2.32 -33.60
C GLY D 112 0.25 2.33 -34.74
N ALA D 113 1.52 2.23 -34.39
CA ALA D 113 2.61 2.12 -35.35
C ALA D 113 3.45 1.10 -34.62
N SER D 114 3.50 -0.12 -35.10
CA SER D 114 4.27 -1.17 -34.44
C SER D 114 5.71 -1.07 -34.86
N VAL D 115 6.56 -1.51 -33.93
CA VAL D 115 7.98 -1.74 -34.20
C VAL D 115 8.24 -3.22 -33.87
N THR D 116 9.03 -3.85 -34.73
CA THR D 116 9.48 -5.23 -34.57
C THR D 116 11.00 -5.12 -34.75
N VAL D 117 11.67 -5.59 -33.72
CA VAL D 117 13.12 -5.57 -33.67
C VAL D 117 13.65 -6.95 -34.07
N SER D 118 14.12 -7.09 -35.31
CA SER D 118 14.69 -8.31 -35.81
C SER D 118 15.65 -7.99 -36.94
N SER D 119 16.82 -8.58 -36.82
CA SER D 119 17.87 -8.47 -37.83
C SER D 119 17.69 -9.65 -38.79
N ALA D 120 16.50 -9.82 -39.34
CA ALA D 120 16.25 -10.95 -40.22
C ALA D 120 16.10 -10.33 -41.59
N LYS D 121 16.07 -11.23 -42.57
CA LYS D 121 15.96 -10.88 -43.99
C LYS D 121 14.56 -11.25 -44.44
N THR D 122 14.08 -10.71 -45.55
CA THR D 122 12.80 -11.16 -46.05
C THR D 122 13.02 -12.64 -46.43
N THR D 123 12.27 -13.54 -45.81
CA THR D 123 12.23 -14.96 -46.07
C THR D 123 10.78 -15.39 -46.40
N ALA D 124 10.63 -16.16 -47.49
CA ALA D 124 9.33 -16.68 -47.89
C ALA D 124 9.05 -17.83 -46.94
N PRO D 125 7.81 -18.32 -46.76
CA PRO D 125 7.52 -19.46 -45.90
C PRO D 125 7.40 -20.86 -46.53
N SER D 126 8.03 -21.87 -45.89
CA SER D 126 7.93 -23.26 -46.33
C SER D 126 6.65 -23.84 -45.73
N VAL D 127 5.71 -24.14 -46.62
CA VAL D 127 4.39 -24.59 -46.24
C VAL D 127 4.43 -26.09 -46.32
N TYR D 128 3.90 -26.69 -45.25
CA TYR D 128 3.87 -28.13 -45.04
C TYR D 128 2.45 -28.58 -44.85
N PRO D 129 2.01 -29.51 -45.68
CA PRO D 129 0.76 -30.24 -45.49
C PRO D 129 0.71 -31.12 -44.24
N LEU D 130 -0.33 -31.08 -43.42
CA LEU D 130 -0.41 -31.89 -42.22
C LEU D 130 -1.70 -32.68 -42.35
N ALA D 131 -1.60 -33.70 -43.16
CA ALA D 131 -2.70 -34.63 -43.50
C ALA D 131 -2.76 -35.62 -42.37
N PRO D 132 -3.90 -36.18 -41.99
CA PRO D 132 -4.18 -36.74 -40.65
C PRO D 132 -3.17 -37.51 -39.82
N VAL D 133 -2.63 -38.59 -40.42
CA VAL D 133 -1.82 -39.69 -39.89
C VAL D 133 -2.81 -40.82 -39.68
N CYS D 134 -3.52 -41.24 -40.71
CA CYS D 134 -4.40 -42.43 -40.68
C CYS D 134 -5.24 -42.89 -39.46
N GLY D 135 -5.47 -42.05 -38.46
CA GLY D 135 -6.21 -42.44 -37.27
C GLY D 135 -7.70 -42.35 -37.52
N ASP D 136 -8.19 -43.39 -38.17
CA ASP D 136 -9.60 -43.54 -38.54
C ASP D 136 -10.05 -42.47 -39.56
N THR D 137 -11.32 -42.72 -39.82
CA THR D 137 -12.25 -41.84 -40.52
C THR D 137 -13.14 -41.68 -39.29
N THR D 138 -12.71 -40.72 -38.47
CA THR D 138 -13.23 -40.48 -37.13
C THR D 138 -14.74 -40.18 -37.12
N GLY D 139 -15.53 -41.25 -37.15
CA GLY D 139 -16.97 -41.15 -37.08
C GLY D 139 -17.56 -40.49 -38.31
N SER D 140 -17.61 -39.17 -38.24
CA SER D 140 -18.20 -38.37 -39.29
C SER D 140 -17.17 -37.43 -39.88
N SER D 141 -16.03 -37.30 -39.22
CA SER D 141 -15.14 -36.17 -39.48
C SER D 141 -13.69 -36.55 -39.73
N VAL D 142 -12.99 -35.58 -40.33
CA VAL D 142 -11.53 -35.57 -40.56
C VAL D 142 -11.10 -34.10 -40.53
N THR D 143 -9.99 -33.93 -39.83
CA THR D 143 -9.38 -32.66 -39.55
C THR D 143 -7.95 -32.72 -40.11
N LEU D 144 -7.65 -31.85 -41.06
CA LEU D 144 -6.30 -31.75 -41.61
C LEU D 144 -5.78 -30.31 -41.50
N GLY D 145 -4.49 -30.02 -41.63
CA GLY D 145 -4.00 -28.65 -41.47
C GLY D 145 -2.92 -28.20 -42.43
N CYS D 146 -2.40 -27.00 -42.19
CA CYS D 146 -1.25 -26.44 -42.91
C CYS D 146 -0.40 -25.70 -41.90
N LEU D 147 0.92 -25.84 -42.02
CA LEU D 147 1.92 -25.17 -41.18
C LEU D 147 2.75 -24.36 -42.17
N VAL D 148 3.16 -23.18 -41.75
CA VAL D 148 3.88 -22.26 -42.60
C VAL D 148 5.06 -21.84 -41.71
N LYS D 149 6.28 -22.29 -42.00
CA LYS D 149 7.39 -21.94 -41.13
C LYS D 149 8.30 -20.86 -41.74
N GLY D 150 8.79 -20.03 -40.80
CA GLY D 150 9.91 -19.13 -40.98
C GLY D 150 9.86 -17.96 -41.93
N TYR D 151 8.74 -17.35 -42.24
CA TYR D 151 8.77 -16.12 -43.04
C TYR D 151 9.15 -14.91 -42.16
N PHE D 152 9.79 -13.96 -42.80
CA PHE D 152 10.01 -12.67 -42.23
C PHE D 152 9.88 -11.79 -43.48
N PRO D 153 9.10 -10.67 -43.47
CA PRO D 153 8.21 -10.26 -42.37
C PRO D 153 6.78 -10.77 -42.48
N GLU D 154 5.91 -10.24 -41.65
CA GLU D 154 4.49 -10.53 -41.68
C GLU D 154 3.93 -9.60 -42.77
N PRO D 155 2.71 -9.68 -43.34
CA PRO D 155 1.76 -10.80 -43.32
C PRO D 155 1.96 -11.89 -44.39
N VAL D 156 1.18 -12.92 -44.13
CA VAL D 156 0.93 -13.98 -45.07
C VAL D 156 -0.59 -14.03 -45.03
N THR D 157 -1.08 -14.52 -46.15
CA THR D 157 -2.47 -14.72 -46.47
C THR D 157 -2.69 -16.23 -46.41
N LEU D 158 -3.72 -16.81 -45.77
CA LEU D 158 -3.96 -18.26 -45.90
C LEU D 158 -5.46 -18.48 -46.03
N THR D 159 -5.77 -19.02 -47.22
CA THR D 159 -7.11 -19.46 -47.61
C THR D 159 -7.10 -20.98 -47.85
N TRP D 160 -8.24 -21.62 -47.86
CA TRP D 160 -8.35 -23.03 -48.12
C TRP D 160 -9.21 -23.15 -49.37
N ASN D 161 -8.65 -23.79 -50.38
CA ASN D 161 -9.27 -24.07 -51.69
C ASN D 161 -9.57 -22.76 -52.37
N SER D 162 -8.55 -21.93 -52.27
CA SER D 162 -8.58 -20.58 -52.83
C SER D 162 -9.76 -19.73 -52.33
N GLY D 163 -10.28 -20.05 -51.14
CA GLY D 163 -11.30 -19.18 -50.56
C GLY D 163 -12.71 -19.72 -50.46
N SER D 164 -13.01 -20.84 -51.12
CA SER D 164 -14.34 -21.46 -51.06
C SER D 164 -14.55 -22.34 -49.82
N LEU D 165 -13.51 -22.63 -49.04
CA LEU D 165 -13.70 -23.42 -47.84
C LEU D 165 -13.25 -22.47 -46.74
N SER D 166 -14.25 -22.25 -45.90
CA SER D 166 -14.16 -21.39 -44.73
C SER D 166 -14.81 -22.07 -43.50
N SER D 167 -15.70 -23.04 -43.62
CA SER D 167 -16.23 -23.71 -42.44
C SER D 167 -15.11 -24.58 -41.90
N GLY D 168 -15.15 -24.84 -40.62
CA GLY D 168 -14.11 -25.60 -39.97
C GLY D 168 -12.73 -24.97 -40.01
N VAL D 169 -12.41 -23.93 -40.77
CA VAL D 169 -11.08 -23.35 -40.84
C VAL D 169 -10.76 -22.55 -39.59
N HIS D 170 -9.54 -22.65 -39.09
CA HIS D 170 -9.07 -21.90 -37.92
C HIS D 170 -7.63 -21.52 -38.21
N THR D 171 -7.32 -20.29 -38.59
CA THR D 171 -5.95 -19.84 -38.82
C THR D 171 -5.47 -19.17 -37.51
N PHE D 172 -4.41 -19.75 -36.93
CA PHE D 172 -3.88 -19.30 -35.65
C PHE D 172 -2.95 -18.11 -35.84
N PRO D 173 -2.97 -17.12 -34.92
CA PRO D 173 -2.03 -15.98 -34.87
C PRO D 173 -0.55 -16.36 -35.04
N ALA D 174 0.25 -15.59 -35.78
CA ALA D 174 1.67 -15.87 -36.02
C ALA D 174 2.52 -15.57 -34.81
N VAL D 175 3.46 -16.44 -34.55
CA VAL D 175 4.34 -16.26 -33.42
C VAL D 175 5.69 -15.91 -33.99
N LEU D 176 6.43 -14.92 -33.45
CA LEU D 176 7.85 -14.75 -33.78
C LEU D 176 8.51 -15.60 -32.69
N GLN D 177 9.37 -16.57 -33.03
CA GLN D 177 10.05 -17.37 -32.01
C GLN D 177 11.54 -17.17 -32.03
N SER D 178 12.14 -17.02 -33.22
CA SER D 178 13.56 -16.63 -33.36
C SER D 178 13.47 -15.39 -34.23
N ASP D 179 14.37 -14.99 -35.12
CA ASP D 179 14.13 -13.80 -35.92
C ASP D 179 13.16 -14.08 -37.07
N LEU D 180 12.20 -15.01 -36.87
CA LEU D 180 11.29 -15.54 -37.90
C LEU D 180 9.94 -16.00 -37.32
N TYR D 181 8.88 -15.89 -38.13
CA TYR D 181 7.49 -16.21 -37.77
C TYR D 181 6.99 -17.59 -38.17
N THR D 182 5.90 -18.09 -37.59
CA THR D 182 5.25 -19.34 -38.01
C THR D 182 3.78 -19.36 -37.59
N LEU D 183 2.86 -19.88 -38.37
CA LEU D 183 1.45 -19.98 -38.04
C LEU D 183 0.91 -21.29 -38.59
N SER D 184 -0.32 -21.65 -38.21
CA SER D 184 -0.96 -22.91 -38.51
C SER D 184 -2.38 -22.57 -38.96
N SER D 185 -3.07 -23.43 -39.70
CA SER D 185 -4.49 -23.31 -40.00
C SER D 185 -5.07 -24.71 -39.86
N SER D 186 -6.31 -24.83 -39.43
CA SER D 186 -6.88 -26.16 -39.24
C SER D 186 -8.21 -26.24 -39.97
N VAL D 187 -8.43 -27.11 -40.96
CA VAL D 187 -9.74 -27.22 -41.59
C VAL D 187 -10.26 -28.58 -41.10
N THR D 188 -11.56 -28.68 -40.95
CA THR D 188 -12.18 -29.92 -40.55
C THR D 188 -13.30 -30.03 -41.56
N VAL D 189 -13.26 -31.15 -42.22
CA VAL D 189 -14.16 -31.43 -43.31
C VAL D 189 -14.93 -32.66 -42.90
N THR D 190 -15.96 -32.96 -43.68
CA THR D 190 -16.73 -34.19 -43.52
C THR D 190 -15.82 -35.33 -43.99
N SER D 191 -15.84 -36.52 -43.38
CA SER D 191 -15.01 -37.65 -43.81
C SER D 191 -15.17 -37.77 -45.33
N SER D 192 -16.45 -37.68 -45.70
CA SER D 192 -16.97 -37.64 -47.06
C SER D 192 -16.56 -36.43 -47.93
N THR D 193 -15.50 -35.69 -47.62
CA THR D 193 -14.97 -34.64 -48.49
C THR D 193 -13.60 -35.17 -48.92
N TRP D 194 -12.87 -35.83 -48.02
CA TRP D 194 -11.50 -36.17 -48.32
C TRP D 194 -11.19 -37.65 -48.12
N PRO D 195 -10.35 -38.27 -48.97
CA PRO D 195 -9.81 -37.62 -50.17
C PRO D 195 -10.72 -37.44 -51.38
N SER D 196 -12.03 -37.74 -51.28
CA SER D 196 -13.01 -37.61 -52.38
C SER D 196 -12.98 -36.30 -53.18
N GLN D 197 -12.56 -35.19 -52.57
CA GLN D 197 -12.50 -33.87 -53.20
C GLN D 197 -11.22 -33.19 -52.67
N SER D 198 -10.48 -32.49 -53.52
CA SER D 198 -9.25 -31.84 -53.10
C SER D 198 -9.37 -30.58 -52.23
N ILE D 199 -8.52 -30.67 -51.22
CA ILE D 199 -8.37 -29.63 -50.22
C ILE D 199 -6.94 -29.19 -50.42
N THR D 200 -6.79 -27.90 -50.50
CA THR D 200 -5.54 -27.26 -50.79
C THR D 200 -5.49 -25.99 -49.92
N CYS D 201 -4.36 -25.59 -49.37
CA CYS D 201 -4.30 -24.35 -48.63
C CYS D 201 -3.43 -23.43 -49.49
N ASN D 202 -3.68 -22.14 -49.44
CA ASN D 202 -2.99 -21.21 -50.32
C ASN D 202 -2.26 -20.26 -49.39
N VAL D 203 -0.99 -20.04 -49.65
CA VAL D 203 -0.20 -19.17 -48.81
C VAL D 203 0.30 -18.09 -49.74
N ALA D 204 -0.22 -16.90 -49.59
CA ALA D 204 0.32 -15.80 -50.33
C ALA D 204 1.21 -15.01 -49.37
N HIS D 205 2.40 -14.60 -49.74
CA HIS D 205 3.23 -13.80 -48.86
C HIS D 205 3.56 -12.57 -49.69
N PRO D 206 2.91 -11.39 -49.51
CA PRO D 206 3.13 -10.18 -50.34
C PRO D 206 4.58 -9.69 -50.24
N ALA D 207 5.05 -9.61 -48.99
CA ALA D 207 6.43 -9.26 -48.68
C ALA D 207 7.52 -9.96 -49.52
N SER D 208 7.36 -11.23 -49.91
CA SER D 208 8.36 -11.95 -50.72
C SER D 208 7.88 -12.20 -52.14
N SER D 209 6.58 -11.94 -52.33
CA SER D 209 5.82 -12.20 -53.54
C SER D 209 5.93 -13.69 -53.94
N THR D 210 5.45 -14.51 -52.99
CA THR D 210 5.49 -15.98 -52.98
C THR D 210 4.08 -16.55 -52.73
N LYS D 211 3.59 -17.45 -53.56
CA LYS D 211 2.26 -18.02 -53.39
C LYS D 211 2.47 -19.52 -53.50
N VAL D 212 2.22 -20.27 -52.44
CA VAL D 212 2.46 -21.71 -52.40
C VAL D 212 1.11 -22.39 -52.14
N ASP D 213 0.56 -23.07 -53.13
CA ASP D 213 -0.69 -23.78 -52.95
C ASP D 213 -0.21 -25.13 -52.53
N LYS D 214 -0.78 -25.68 -51.49
CA LYS D 214 -0.43 -26.97 -51.00
C LYS D 214 -1.63 -27.90 -51.06
N LYS D 215 -1.53 -28.89 -51.93
CA LYS D 215 -2.49 -29.97 -52.14
C LYS D 215 -2.21 -30.90 -50.98
N ILE D 216 -3.23 -31.24 -50.19
CA ILE D 216 -3.05 -32.12 -49.05
C ILE D 216 -3.51 -33.51 -49.53
N GLU D 217 -2.49 -34.32 -49.77
CA GLU D 217 -2.62 -35.71 -50.22
C GLU D 217 -2.51 -36.62 -48.98
N PRO D 218 -2.98 -37.86 -49.10
CA PRO D 218 -3.05 -38.83 -48.00
C PRO D 218 -1.87 -39.77 -48.08
#